data_3W7L
#
_entry.id   3W7L
#
_cell.length_a   68.131
_cell.length_b   71.785
_cell.length_c   128.732
_cell.angle_alpha   90.000
_cell.angle_beta   90.000
_cell.angle_gamma   90.000
#
_symmetry.space_group_name_H-M   'P 21 21 21'
#
loop_
_entity.id
_entity.type
_entity.pdbx_description
1 polymer 'Dihydroorotate dehydrogenase (fumarate)'
2 non-polymer '5-[2-(6-methoxynaphthalen-1-yl)ethyl]-2,6-dioxo-1,2,3,6-tetrahydropyrimidine-4-carboxylic acid'
3 non-polymer GLYCEROL
4 non-polymer 'FLAVIN MONONUCLEOTIDE'
5 non-polymer 'COBALT HEXAMMINE(III)'
6 water water
#
_entity_poly.entity_id   1
_entity_poly.type   'polypeptide(L)'
_entity_poly.pdbx_seq_one_letter_code
;MCLKLNLLDHVFANPFMNAAGVLCSTEEDLRCMTASSSGALVSKSCTSAPRDGNPEPRYMAFPLGSINSMGLPNLGFDFY
LKYASDLHDYSKKPLFLSISGLSVEENVAMVRRLAPVAQEKGVLLELNLSCPNVPGKPQVAYDFEAMRTYLQQVSLAYGL
PFGVKMPPYFDIAHFDTAAAVLNEFPLVKFVTCVNSVGNGLVIDAESESVVIKPKQGFGGLGGKYILPTALANVNAFYRR
CPDKLVFGCGGVYSGEDAFLHILAGASMVQVGTALQEEGPGIFTRLEDELLEIMARKGYRTLEEFRGRVKTIE
;
_entity_poly.pdbx_strand_id   A,B
#
loop_
_chem_comp.id
_chem_comp.type
_chem_comp.name
_chem_comp.formula
FMN non-polymer 'FLAVIN MONONUCLEOTIDE' 'C17 H21 N4 O9 P'
GOL non-polymer GLYCEROL 'C3 H8 O3'
NCO non-polymer 'COBALT HEXAMMINE(III)' 'Co H18 N6 3'
W7L non-polymer '5-[2-(6-methoxynaphthalen-1-yl)ethyl]-2,6-dioxo-1,2,3,6-tetrahydropyrimidine-4-carboxylic acid' 'C18 H16 N2 O5'
#
# COMPACT_ATOMS: atom_id res chain seq x y z
N MET A 1 -19.57 -0.80 31.54
CA MET A 1 -18.70 -0.64 30.30
C MET A 1 -17.57 -1.66 30.29
N CYS A 2 -17.45 -2.44 29.24
CA CYS A 2 -16.37 -3.45 29.25
C CYS A 2 -15.85 -3.83 27.87
N LEU A 3 -14.62 -4.27 27.87
CA LEU A 3 -13.91 -4.68 26.68
C LEU A 3 -13.90 -6.20 26.37
N LYS A 4 -14.61 -6.96 27.18
CA LYS A 4 -14.67 -8.42 27.15
C LYS A 4 -15.21 -8.83 25.79
N LEU A 5 -14.65 -9.92 25.27
CA LEU A 5 -15.14 -10.62 24.13
C LEU A 5 -15.13 -12.11 24.41
N ASN A 6 -16.05 -12.78 23.78
CA ASN A 6 -16.10 -14.23 23.80
C ASN A 6 -16.17 -14.63 22.40
N LEU A 7 -15.15 -15.30 21.94
CA LEU A 7 -15.17 -15.80 20.58
C LEU A 7 -14.27 -17.00 20.39
N LEU A 8 -14.52 -17.76 19.35
CA LEU A 8 -13.74 -18.96 19.10
C LEU A 8 -13.70 -19.88 20.33
N ASP A 9 -14.79 -19.85 21.12
CA ASP A 9 -14.90 -20.63 22.35
C ASP A 9 -13.86 -20.23 23.40
N HIS A 10 -13.39 -18.97 23.34
CA HIS A 10 -12.55 -18.47 24.38
C HIS A 10 -13.03 -17.14 24.90
N VAL A 11 -12.53 -16.71 26.04
CA VAL A 11 -12.96 -15.47 26.61
C VAL A 11 -11.69 -14.60 26.67
N PHE A 12 -11.84 -13.33 26.31
CA PHE A 12 -10.74 -12.37 26.16
C PHE A 12 -11.15 -11.15 26.98
N ALA A 13 -10.24 -10.67 27.84
CA ALA A 13 -10.49 -9.55 28.70
C ALA A 13 -10.67 -8.27 27.89
N ASN A 14 -9.98 -8.21 26.79
CA ASN A 14 -10.04 -7.07 25.90
C ASN A 14 -9.58 -7.52 24.51
N PRO A 15 -9.73 -6.71 23.48
CA PRO A 15 -9.43 -7.14 22.12
C PRO A 15 -7.98 -7.06 21.70
N PHE A 16 -7.12 -6.55 22.55
CA PHE A 16 -5.73 -6.25 22.17
C PHE A 16 -4.81 -7.45 22.28
N MET A 17 -3.95 -7.60 21.27
CA MET A 17 -2.88 -8.56 21.28
C MET A 17 -1.72 -8.06 20.47
N ASN A 18 -0.57 -8.71 20.62
CA ASN A 18 0.57 -8.40 19.73
C ASN A 18 0.28 -8.88 18.32
N ALA A 19 0.85 -8.23 17.33
CA ALA A 19 0.93 -8.78 15.99
C ALA A 19 2.04 -9.82 15.91
N ALA A 20 1.81 -10.88 15.14
CA ALA A 20 2.82 -11.84 14.96
C ALA A 20 4.11 -11.18 14.55
N GLY A 21 5.17 -11.68 15.14
CA GLY A 21 6.45 -11.20 14.89
C GLY A 21 6.97 -10.21 15.89
N VAL A 22 6.11 -9.55 16.61
CA VAL A 22 6.56 -8.54 17.60
C VAL A 22 6.45 -9.09 19.00
N LEU A 23 7.50 -9.00 19.81
CA LEU A 23 7.44 -9.40 21.19
C LEU A 23 6.93 -10.83 21.40
N CYS A 24 7.36 -11.76 20.55
CA CYS A 24 6.83 -13.10 20.65
C CYS A 24 7.73 -14.25 20.12
N SER A 25 9.04 -14.02 20.06
CA SER A 25 9.98 -14.94 19.45
C SER A 25 10.61 -15.99 20.43
N THR A 26 10.76 -15.54 21.66
CA THR A 26 11.45 -16.29 22.68
C THR A 26 10.58 -16.56 23.91
N GLU A 27 10.99 -17.51 24.76
CA GLU A 27 10.15 -17.78 25.95
C GLU A 27 10.03 -16.48 26.78
N GLU A 28 11.12 -15.78 26.87
CA GLU A 28 11.12 -14.49 27.60
C GLU A 28 10.04 -13.56 27.00
N ASP A 29 9.99 -13.45 25.67
CA ASP A 29 9.00 -12.59 25.01
C ASP A 29 7.57 -13.05 25.35
N LEU A 30 7.37 -14.36 25.26
CA LEU A 30 6.05 -14.89 25.42
C LEU A 30 5.59 -14.71 26.89
N ARG A 31 6.49 -14.91 27.86
N ARG A 31 6.49 -14.91 27.84
CA ARG A 31 6.17 -14.61 29.24
CA ARG A 31 6.21 -14.61 29.24
C ARG A 31 5.87 -13.13 29.45
C ARG A 31 5.86 -13.13 29.43
N CYS A 32 6.58 -12.24 28.75
CA CYS A 32 6.31 -10.80 28.83
C CYS A 32 4.92 -10.45 28.29
N MET A 33 4.61 -10.94 27.09
CA MET A 33 3.28 -10.75 26.60
C MET A 33 2.21 -11.32 27.58
N THR A 34 2.45 -12.50 28.10
CA THR A 34 1.50 -13.10 29.05
C THR A 34 1.30 -12.23 30.31
N ALA A 35 2.38 -11.61 30.80
CA ALA A 35 2.30 -10.70 31.98
C ALA A 35 1.63 -9.35 31.71
N SER A 36 1.55 -8.97 30.42
CA SER A 36 1.02 -7.71 30.03
C SER A 36 -0.52 -7.66 30.17
N SER A 37 -1.15 -6.50 30.02
N SER A 37 -1.09 -6.48 29.93
CA SER A 37 -2.59 -6.48 30.11
CA SER A 37 -2.50 -6.31 30.00
C SER A 37 -3.23 -6.78 28.75
C SER A 37 -3.20 -6.73 28.72
N SER A 38 -2.49 -7.27 27.76
CA SER A 38 -3.17 -7.73 26.49
C SER A 38 -4.25 -8.75 26.75
N GLY A 39 -5.27 -8.81 25.87
CA GLY A 39 -6.25 -9.85 26.01
C GLY A 39 -5.85 -11.22 25.49
N ALA A 40 -4.83 -11.27 24.65
CA ALA A 40 -4.29 -12.50 24.06
C ALA A 40 -2.86 -12.26 23.60
N LEU A 41 -2.19 -13.30 23.11
CA LEU A 41 -0.92 -13.15 22.47
C LEU A 41 -0.83 -14.17 21.36
N VAL A 42 0.05 -13.87 20.40
CA VAL A 42 0.33 -14.77 19.29
C VAL A 42 1.85 -15.00 19.28
N SER A 43 2.27 -16.26 19.10
CA SER A 43 3.71 -16.59 18.99
C SER A 43 4.24 -16.31 17.61
N LYS A 44 5.54 -16.03 17.53
CA LYS A 44 6.20 -15.73 16.30
C LYS A 44 5.94 -16.79 15.26
N SER A 45 5.63 -16.33 14.04
CA SER A 45 5.39 -17.21 12.89
C SER A 45 6.62 -18.13 12.76
N CYS A 46 6.35 -19.44 12.69
CA CYS A 46 7.46 -20.39 12.73
C CYS A 46 7.51 -21.30 11.50
N THR A 47 8.67 -21.92 11.38
CA THR A 47 9.00 -22.91 10.33
C THR A 47 9.37 -24.19 11.05
N SER A 48 9.45 -25.30 10.31
CA SER A 48 9.84 -26.56 10.92
C SER A 48 11.20 -26.48 11.63
N ALA A 49 12.17 -25.90 10.96
CA ALA A 49 13.56 -25.80 11.46
C ALA A 49 13.72 -24.38 12.05
N PRO A 50 14.53 -24.22 13.12
CA PRO A 50 14.84 -22.83 13.50
C PRO A 50 15.52 -22.07 12.38
N ARG A 51 15.40 -20.72 12.40
CA ARG A 51 15.97 -19.81 11.44
C ARG A 51 16.62 -18.60 12.08
N ASP A 52 17.81 -18.19 11.54
CA ASP A 52 18.54 -17.01 12.09
C ASP A 52 17.98 -15.79 11.41
N GLY A 53 17.31 -15.95 10.28
CA GLY A 53 16.76 -14.88 9.52
C GLY A 53 17.80 -14.13 8.71
N ASN A 54 17.44 -12.94 8.25
CA ASN A 54 18.31 -12.12 7.37
C ASN A 54 19.39 -11.36 8.12
N PRO A 55 20.44 -10.95 7.39
CA PRO A 55 21.41 -10.09 8.00
C PRO A 55 20.85 -8.77 8.52
N GLU A 56 21.43 -8.23 9.59
CA GLU A 56 21.03 -6.92 10.14
C GLU A 56 21.80 -5.74 9.47
N PRO A 57 21.24 -4.55 9.48
CA PRO A 57 19.95 -4.15 10.01
C PRO A 57 18.83 -4.70 9.12
N ARG A 58 17.75 -5.12 9.76
CA ARG A 58 16.67 -5.73 9.04
C ARG A 58 15.29 -5.20 9.55
N TYR A 59 15.27 -4.33 10.55
CA TYR A 59 14.09 -3.62 11.03
C TYR A 59 14.52 -2.24 11.34
N MET A 60 13.75 -1.23 10.92
CA MET A 60 13.98 0.14 11.40
C MET A 60 12.65 0.80 11.59
N ALA A 61 12.58 1.67 12.59
CA ALA A 61 11.37 2.46 12.76
C ALA A 61 11.61 3.96 12.70
N PHE A 62 10.51 4.66 12.42
CA PHE A 62 10.55 6.09 12.15
C PHE A 62 9.24 6.65 12.72
N PRO A 63 9.09 8.01 12.71
CA PRO A 63 7.89 8.61 13.24
C PRO A 63 6.60 8.06 12.59
N LEU A 64 6.63 7.78 11.31
CA LEU A 64 5.39 7.33 10.66
C LEU A 64 5.23 5.81 10.58
N GLY A 65 6.18 5.06 11.06
CA GLY A 65 6.13 3.57 10.97
C GLY A 65 7.43 2.89 10.85
N SER A 66 7.39 1.67 10.30
CA SER A 66 8.49 0.75 10.33
C SER A 66 8.63 0.08 8.94
N ILE A 67 9.83 -0.36 8.67
CA ILE A 67 10.13 -1.22 7.55
C ILE A 67 10.93 -2.43 8.03
N ASN A 68 10.62 -3.62 7.50
CA ASN A 68 11.33 -4.82 7.95
C ASN A 68 11.49 -5.83 6.80
N SER A 69 12.63 -6.49 6.80
CA SER A 69 12.82 -7.71 6.02
C SER A 69 13.56 -8.68 6.90
N MET A 70 12.83 -9.20 7.88
CA MET A 70 13.45 -9.98 8.96
C MET A 70 13.97 -11.32 8.44
N GLY A 71 13.30 -11.87 7.43
CA GLY A 71 13.70 -13.19 6.93
C GLY A 71 13.20 -14.33 7.79
N LEU A 72 12.12 -14.11 8.53
CA LEU A 72 11.47 -15.12 9.38
C LEU A 72 12.42 -15.81 10.38
N PRO A 73 13.12 -15.03 11.15
CA PRO A 73 13.90 -15.65 12.26
C PRO A 73 12.95 -16.24 13.27
N ASN A 74 13.20 -17.44 13.79
CA ASN A 74 12.32 -18.04 14.77
C ASN A 74 12.96 -19.28 15.37
N LEU A 75 12.46 -19.69 16.53
CA LEU A 75 13.07 -20.82 17.28
C LEU A 75 12.69 -22.21 16.77
N GLY A 76 11.85 -22.25 15.76
CA GLY A 76 11.41 -23.56 15.17
C GLY A 76 10.13 -24.01 15.81
N PHE A 77 9.33 -24.76 15.08
CA PHE A 77 8.05 -25.21 15.51
C PHE A 77 8.04 -25.99 16.79
N ASP A 78 9.05 -26.84 17.02
CA ASP A 78 9.08 -27.60 18.21
C ASP A 78 9.07 -26.75 19.48
N PHE A 79 9.79 -25.65 19.43
CA PHE A 79 9.79 -24.71 20.52
C PHE A 79 8.41 -24.10 20.76
N TYR A 80 7.74 -23.58 19.73
CA TYR A 80 6.42 -22.96 19.91
C TYR A 80 5.33 -23.96 20.32
N LEU A 81 5.43 -25.18 19.80
CA LEU A 81 4.56 -26.27 20.24
C LEU A 81 4.73 -26.63 21.70
N LYS A 82 5.96 -26.73 22.15
CA LYS A 82 6.29 -26.95 23.53
C LYS A 82 5.73 -25.83 24.38
N TYR A 83 5.87 -24.61 23.92
CA TYR A 83 5.38 -23.49 24.69
C TYR A 83 3.87 -23.63 24.84
N ALA A 84 3.23 -23.96 23.75
CA ALA A 84 1.80 -24.15 23.78
C ALA A 84 1.34 -25.31 24.67
N SER A 85 2.00 -26.43 24.52
CA SER A 85 1.59 -27.59 25.27
C SER A 85 1.99 -27.59 26.73
N ASP A 86 3.16 -27.08 27.03
CA ASP A 86 3.70 -27.22 28.35
C ASP A 86 3.91 -25.95 29.18
N LEU A 87 4.20 -24.83 28.54
CA LEU A 87 4.62 -23.67 29.27
C LEU A 87 3.57 -22.55 29.46
N HIS A 88 2.71 -22.39 28.49
CA HIS A 88 1.75 -21.27 28.54
C HIS A 88 0.75 -21.43 29.65
N ASP A 89 0.44 -20.36 30.34
CA ASP A 89 -0.65 -20.37 31.30
C ASP A 89 -1.96 -19.83 30.70
N TYR A 90 -2.82 -20.75 30.32
CA TYR A 90 -4.06 -20.41 29.68
C TYR A 90 -5.05 -19.73 30.65
N SER A 91 -4.81 -19.86 31.93
CA SER A 91 -5.70 -19.14 32.85
C SER A 91 -5.43 -17.62 32.75
N LYS A 92 -4.27 -17.21 32.25
CA LYS A 92 -4.00 -15.81 32.10
C LYS A 92 -4.71 -15.22 30.88
N LYS A 93 -4.57 -15.86 29.72
CA LYS A 93 -5.19 -15.39 28.50
C LYS A 93 -5.00 -16.42 27.42
N PRO A 94 -5.75 -16.28 26.37
CA PRO A 94 -5.61 -17.26 25.30
C PRO A 94 -4.36 -17.03 24.47
N LEU A 95 -3.90 -18.09 23.83
CA LEU A 95 -2.72 -18.14 22.93
C LEU A 95 -3.09 -18.51 21.51
N PHE A 96 -2.58 -17.73 20.57
CA PHE A 96 -2.49 -18.07 19.15
C PHE A 96 -1.09 -18.49 18.82
N LEU A 97 -0.96 -19.46 17.91
CA LEU A 97 0.28 -19.95 17.43
C LEU A 97 0.27 -19.73 15.90
N SER A 98 1.19 -18.87 15.43
CA SER A 98 1.24 -18.55 14.00
C SER A 98 2.27 -19.49 13.35
N ILE A 99 1.91 -20.02 12.20
CA ILE A 99 2.83 -20.79 11.43
C ILE A 99 3.00 -20.17 10.06
N SER A 100 4.19 -20.30 9.55
CA SER A 100 4.48 -19.75 8.26
C SER A 100 5.47 -20.56 7.47
N GLY A 101 5.11 -21.78 7.12
CA GLY A 101 5.98 -22.68 6.36
C GLY A 101 6.33 -22.10 4.99
N LEU A 102 7.42 -22.58 4.45
CA LEU A 102 7.95 -22.06 3.22
C LEU A 102 7.43 -22.88 2.02
N SER A 103 6.59 -23.85 2.29
CA SER A 103 5.93 -24.68 1.29
C SER A 103 4.68 -25.22 1.92
N VAL A 104 3.77 -25.70 1.09
CA VAL A 104 2.56 -26.28 1.59
C VAL A 104 2.87 -27.53 2.39
N GLU A 105 3.85 -28.35 1.95
CA GLU A 105 4.20 -29.54 2.71
C GLU A 105 4.69 -29.22 4.14
N GLU A 106 5.48 -28.17 4.25
CA GLU A 106 6.01 -27.78 5.58
C GLU A 106 4.82 -27.34 6.52
N ASN A 107 3.89 -26.56 6.00
CA ASN A 107 2.67 -26.25 6.78
C ASN A 107 1.86 -27.47 7.25
N VAL A 108 1.65 -28.42 6.35
CA VAL A 108 0.89 -29.62 6.65
C VAL A 108 1.61 -30.40 7.76
N ALA A 109 2.91 -30.51 7.68
CA ALA A 109 3.70 -31.24 8.69
C ALA A 109 3.53 -30.61 10.07
N MET A 110 3.54 -29.28 10.09
CA MET A 110 3.37 -28.59 11.40
C MET A 110 1.94 -28.74 11.88
N VAL A 111 0.92 -28.51 11.03
CA VAL A 111 -0.49 -28.53 11.55
C VAL A 111 -0.92 -29.92 12.04
N ARG A 112 -0.34 -30.95 11.46
CA ARG A 112 -0.67 -32.30 11.86
C ARG A 112 -0.32 -32.52 13.30
N ARG A 113 0.85 -32.01 13.66
CA ARG A 113 1.34 -32.10 15.02
C ARG A 113 0.75 -31.12 16.03
N LEU A 114 0.29 -29.99 15.52
CA LEU A 114 -0.39 -28.98 16.33
C LEU A 114 -1.77 -29.43 16.81
N ALA A 115 -2.41 -30.21 15.96
CA ALA A 115 -3.81 -30.48 16.16
C ALA A 115 -4.13 -31.04 17.52
N PRO A 116 -3.43 -32.03 18.00
CA PRO A 116 -3.82 -32.60 19.31
C PRO A 116 -3.61 -31.67 20.48
N VAL A 117 -2.60 -30.83 20.31
CA VAL A 117 -2.37 -29.76 21.30
C VAL A 117 -3.48 -28.70 21.24
N ALA A 118 -3.88 -28.28 20.05
CA ALA A 118 -5.00 -27.42 19.88
C ALA A 118 -6.24 -28.01 20.50
N GLN A 119 -6.50 -29.28 20.22
CA GLN A 119 -7.72 -29.91 20.80
C GLN A 119 -7.63 -30.00 22.32
N GLU A 120 -6.47 -30.35 22.88
CA GLU A 120 -6.31 -30.53 24.30
C GLU A 120 -6.16 -29.25 25.12
N LYS A 121 -5.39 -28.28 24.63
CA LYS A 121 -5.07 -27.05 25.43
C LYS A 121 -5.84 -25.84 24.92
N GLY A 122 -6.37 -25.89 23.70
CA GLY A 122 -7.15 -24.81 23.13
C GLY A 122 -6.30 -23.68 22.46
N VAL A 123 -5.01 -23.92 22.20
CA VAL A 123 -4.26 -22.99 21.35
C VAL A 123 -4.92 -22.84 19.99
N LEU A 124 -4.95 -21.61 19.46
CA LEU A 124 -5.59 -21.29 18.20
C LEU A 124 -4.52 -21.06 17.11
N LEU A 125 -4.72 -21.68 15.97
CA LEU A 125 -3.81 -21.54 14.84
C LEU A 125 -4.07 -20.30 13.96
N GLU A 126 -3.01 -19.56 13.66
CA GLU A 126 -3.03 -18.47 12.67
C GLU A 126 -2.03 -18.88 11.60
N LEU A 127 -2.56 -19.12 10.40
CA LEU A 127 -1.70 -19.48 9.29
C LEU A 127 -1.36 -18.27 8.49
N ASN A 128 -0.08 -18.00 8.33
CA ASN A 128 0.39 -16.83 7.63
C ASN A 128 0.53 -17.09 6.15
N LEU A 129 -0.33 -16.47 5.38
CA LEU A 129 -0.35 -16.57 3.92
C LEU A 129 0.42 -15.46 3.15
N SER A 130 0.84 -14.46 3.92
CA SER A 130 1.51 -13.31 3.42
C SER A 130 2.94 -13.69 3.43
N CYS A 131 3.23 -14.81 2.80
CA CYS A 131 4.48 -15.47 2.86
C CYS A 131 5.02 -15.99 1.48
N PRO A 132 6.41 -15.95 1.38
CA PRO A 132 6.96 -16.53 0.14
C PRO A 132 6.68 -18.01 -0.09
N ASN A 133 6.63 -18.37 -1.35
CA ASN A 133 6.56 -19.74 -1.80
C ASN A 133 7.77 -19.97 -2.74
N VAL A 134 7.50 -20.09 -4.01
CA VAL A 134 8.58 -20.26 -4.97
C VAL A 134 9.15 -18.88 -5.29
N PRO A 135 10.46 -18.65 -5.12
CA PRO A 135 11.01 -17.37 -5.56
C PRO A 135 10.73 -17.08 -7.08
N GLY A 136 10.34 -15.84 -7.39
CA GLY A 136 9.83 -15.44 -8.68
C GLY A 136 8.35 -15.61 -8.90
N LYS A 137 7.66 -16.19 -7.92
CA LYS A 137 6.22 -16.16 -7.95
C LYS A 137 5.82 -15.22 -6.82
N PRO A 138 4.59 -14.75 -6.90
CA PRO A 138 4.07 -13.87 -5.82
C PRO A 138 4.02 -14.57 -4.50
N GLN A 139 3.96 -13.83 -3.40
CA GLN A 139 3.69 -14.45 -2.14
C GLN A 139 2.35 -15.25 -2.22
N VAL A 140 2.17 -16.20 -1.32
CA VAL A 140 1.07 -17.17 -1.46
C VAL A 140 -0.33 -16.49 -1.60
N ALA A 141 -0.63 -15.50 -0.77
CA ALA A 141 -1.94 -14.91 -0.84
C ALA A 141 -2.12 -13.95 -2.03
N TYR A 142 -1.08 -13.67 -2.78
CA TYR A 142 -1.20 -13.01 -4.02
C TYR A 142 -1.26 -13.95 -5.23
N ASP A 143 -1.30 -15.24 -4.99
CA ASP A 143 -1.41 -16.26 -6.04
C ASP A 143 -2.62 -17.12 -5.61
N PHE A 144 -3.79 -16.87 -6.20
CA PHE A 144 -5.04 -17.42 -5.65
C PHE A 144 -5.11 -18.91 -5.76
N GLU A 145 -4.52 -19.47 -6.79
CA GLU A 145 -4.46 -20.93 -6.84
C GLU A 145 -3.56 -21.54 -5.76
N ALA A 146 -2.41 -20.93 -5.50
CA ALA A 146 -1.58 -21.40 -4.41
C ALA A 146 -2.28 -21.27 -3.07
N MET A 147 -2.97 -20.17 -2.88
CA MET A 147 -3.71 -19.97 -1.68
C MET A 147 -4.79 -21.05 -1.48
N ARG A 148 -5.52 -21.36 -2.52
CA ARG A 148 -6.52 -22.37 -2.39
C ARG A 148 -5.89 -23.68 -2.01
N THR A 149 -4.77 -24.00 -2.64
CA THR A 149 -4.07 -25.23 -2.34
C THR A 149 -3.59 -25.31 -0.88
N TYR A 150 -2.99 -24.24 -0.40
CA TYR A 150 -2.55 -24.24 0.96
C TYR A 150 -3.78 -24.49 1.92
N LEU A 151 -4.90 -23.80 1.71
CA LEU A 151 -6.08 -23.91 2.57
C LEU A 151 -6.75 -25.31 2.48
N GLN A 152 -6.77 -25.91 1.30
CA GLN A 152 -7.30 -27.25 1.18
C GLN A 152 -6.47 -28.25 1.98
N GLN A 153 -5.15 -28.16 1.82
CA GLN A 153 -4.27 -29.10 2.48
C GLN A 153 -4.19 -28.92 3.99
N VAL A 154 -4.13 -27.65 4.44
CA VAL A 154 -4.15 -27.41 5.86
C VAL A 154 -5.53 -27.74 6.46
N SER A 155 -6.65 -27.44 5.78
CA SER A 155 -7.97 -27.82 6.28
C SER A 155 -8.02 -29.34 6.50
N LEU A 156 -7.52 -30.08 5.52
CA LEU A 156 -7.54 -31.57 5.63
C LEU A 156 -6.66 -32.11 6.77
N ALA A 157 -5.46 -31.56 6.89
CA ALA A 157 -4.48 -32.01 7.81
C ALA A 157 -4.76 -31.62 9.21
N TYR A 158 -5.38 -30.46 9.40
CA TYR A 158 -5.61 -29.96 10.76
C TYR A 158 -6.96 -30.38 11.29
N GLY A 159 -8.01 -30.22 10.52
CA GLY A 159 -9.32 -30.66 10.91
C GLY A 159 -10.05 -29.81 11.95
N LEU A 160 -9.50 -28.66 12.33
CA LEU A 160 -10.03 -27.88 13.45
C LEU A 160 -10.12 -26.42 12.97
N PRO A 161 -10.91 -25.61 13.66
CA PRO A 161 -11.03 -24.18 13.30
C PRO A 161 -9.69 -23.50 13.39
N PHE A 162 -9.41 -22.65 12.41
CA PHE A 162 -8.16 -21.89 12.43
C PHE A 162 -8.38 -20.54 11.77
N GLY A 163 -7.36 -19.72 11.73
CA GLY A 163 -7.44 -18.46 10.98
C GLY A 163 -6.23 -18.22 10.14
N VAL A 164 -6.33 -17.19 9.33
CA VAL A 164 -5.36 -16.87 8.32
C VAL A 164 -4.95 -15.39 8.40
N LYS A 165 -3.69 -15.13 8.24
CA LYS A 165 -3.13 -13.76 8.21
C LYS A 165 -2.91 -13.41 6.78
N MET A 166 -3.58 -12.32 6.35
CA MET A 166 -3.62 -11.90 4.96
C MET A 166 -2.78 -10.63 4.70
N PRO A 167 -2.19 -10.56 3.52
CA PRO A 167 -1.52 -9.36 3.05
C PRO A 167 -2.63 -8.38 2.64
N PRO A 168 -2.30 -7.11 2.59
CA PRO A 168 -3.28 -6.16 2.04
C PRO A 168 -3.49 -6.36 0.52
N TYR A 169 -4.71 -6.15 0.10
CA TYR A 169 -5.04 -5.95 -1.29
C TYR A 169 -5.44 -4.49 -1.59
N PHE A 170 -5.37 -4.12 -2.87
CA PHE A 170 -5.49 -2.75 -3.38
C PHE A 170 -6.52 -2.58 -4.53
N ASP A 171 -7.16 -3.65 -4.87
CA ASP A 171 -8.06 -3.66 -6.06
C ASP A 171 -9.33 -4.44 -5.62
N ILE A 172 -10.48 -3.94 -6.02
CA ILE A 172 -11.76 -4.50 -5.57
C ILE A 172 -11.88 -5.95 -6.11
N ALA A 173 -11.36 -6.17 -7.28
CA ALA A 173 -11.47 -7.50 -7.86
C ALA A 173 -10.73 -8.51 -7.03
N HIS A 174 -9.60 -8.04 -6.44
CA HIS A 174 -8.83 -8.90 -5.54
C HIS A 174 -9.50 -9.15 -4.22
N PHE A 175 -10.13 -8.13 -3.62
CA PHE A 175 -10.97 -8.32 -2.45
C PHE A 175 -11.98 -9.42 -2.78
N ASP A 176 -12.62 -9.31 -3.92
CA ASP A 176 -13.69 -10.22 -4.27
C ASP A 176 -13.14 -11.62 -4.37
N THR A 177 -12.07 -11.80 -5.09
CA THR A 177 -11.55 -13.13 -5.35
C THR A 177 -10.97 -13.75 -4.08
N ALA A 178 -10.19 -12.94 -3.34
CA ALA A 178 -9.61 -13.45 -2.13
C ALA A 178 -10.69 -13.90 -1.14
N ALA A 179 -11.74 -13.10 -0.91
CA ALA A 179 -12.81 -13.51 -0.01
C ALA A 179 -13.56 -14.73 -0.51
N ALA A 180 -13.77 -14.83 -1.78
CA ALA A 180 -14.42 -16.01 -2.30
C ALA A 180 -13.56 -17.28 -2.05
N VAL A 181 -12.24 -17.20 -2.19
CA VAL A 181 -11.37 -18.33 -1.86
C VAL A 181 -11.52 -18.67 -0.39
N LEU A 182 -11.40 -17.67 0.49
CA LEU A 182 -11.57 -17.94 1.90
C LEU A 182 -12.92 -18.55 2.23
N ASN A 183 -13.96 -18.09 1.56
CA ASN A 183 -15.30 -18.58 1.85
C ASN A 183 -15.53 -20.05 1.38
N GLU A 184 -14.60 -20.61 0.64
CA GLU A 184 -14.66 -22.09 0.34
C GLU A 184 -14.34 -22.95 1.56
N PHE A 185 -13.66 -22.38 2.59
CA PHE A 185 -13.15 -23.16 3.65
C PHE A 185 -13.86 -22.89 4.96
N PRO A 186 -14.80 -23.75 5.35
CA PRO A 186 -15.52 -23.48 6.56
C PRO A 186 -14.68 -23.56 7.85
N LEU A 187 -13.55 -24.25 7.85
CA LEU A 187 -12.71 -24.25 9.06
C LEU A 187 -11.91 -22.92 9.27
N VAL A 188 -11.85 -22.09 8.24
CA VAL A 188 -11.27 -20.78 8.39
C VAL A 188 -12.24 -19.87 9.14
N LYS A 189 -12.04 -19.74 10.45
CA LYS A 189 -13.01 -18.98 11.24
C LYS A 189 -12.67 -17.54 11.50
N PHE A 190 -11.42 -17.17 11.33
CA PHE A 190 -11.01 -15.81 11.41
C PHE A 190 -10.01 -15.43 10.36
N VAL A 191 -10.01 -14.14 10.00
CA VAL A 191 -9.12 -13.63 8.98
C VAL A 191 -8.47 -12.37 9.54
N THR A 192 -7.14 -12.39 9.66
CA THR A 192 -6.41 -11.25 10.16
C THR A 192 -5.94 -10.38 8.99
N CYS A 193 -6.39 -9.12 9.00
CA CYS A 193 -6.05 -8.11 8.05
C CYS A 193 -5.44 -6.88 8.75
N VAL A 194 -4.20 -6.54 8.48
CA VAL A 194 -3.34 -7.05 7.42
C VAL A 194 -1.89 -7.26 7.90
N ASN A 195 -1.15 -8.03 7.12
CA ASN A 195 0.30 -8.12 7.20
C ASN A 195 0.87 -6.81 6.59
N SER A 196 2.18 -6.68 6.58
CA SER A 196 2.79 -5.45 6.13
C SER A 196 2.46 -5.11 4.67
N VAL A 197 2.51 -3.83 4.36
CA VAL A 197 2.40 -3.40 3.01
C VAL A 197 3.75 -3.67 2.35
N GLY A 198 3.72 -4.53 1.36
CA GLY A 198 4.91 -5.17 0.90
C GLY A 198 5.88 -4.28 0.13
N ASN A 199 7.20 -4.54 0.32
CA ASN A 199 8.28 -4.03 -0.52
C ASN A 199 8.23 -2.55 -0.74
N GLY A 200 8.05 -1.81 0.33
CA GLY A 200 8.33 -0.40 0.36
C GLY A 200 9.85 -0.14 0.43
N LEU A 201 10.26 1.12 0.38
CA LEU A 201 11.65 1.49 0.44
C LEU A 201 11.81 2.77 1.17
N VAL A 202 12.57 2.73 2.26
CA VAL A 202 12.85 3.93 3.02
C VAL A 202 14.32 4.32 2.74
N ILE A 203 14.53 5.60 2.48
CA ILE A 203 15.83 6.15 2.17
C ILE A 203 16.07 7.31 3.14
N ASP A 204 17.22 7.26 3.76
CA ASP A 204 17.69 8.31 4.68
C ASP A 204 18.40 9.42 3.82
N ALA A 205 17.87 10.61 3.87
CA ALA A 205 18.39 11.69 3.05
C ALA A 205 19.86 12.07 3.38
N GLU A 206 20.23 12.13 4.65
CA GLU A 206 21.58 12.52 5.02
C GLU A 206 22.66 11.58 4.51
N SER A 207 22.48 10.29 4.72
CA SER A 207 23.45 9.33 4.28
C SER A 207 23.21 8.88 2.80
N GLU A 208 22.09 9.25 2.24
CA GLU A 208 21.75 8.85 0.89
C GLU A 208 21.70 7.35 0.70
N SER A 209 21.30 6.69 1.74
CA SER A 209 21.28 5.25 1.84
C SER A 209 19.91 4.68 2.22
N VAL A 210 19.65 3.48 1.73
CA VAL A 210 18.55 2.64 2.32
C VAL A 210 18.89 2.36 3.80
N VAL A 211 17.92 1.89 4.57
CA VAL A 211 18.05 1.75 6.01
C VAL A 211 18.11 0.32 6.51
N ILE A 212 17.74 -0.60 5.64
CA ILE A 212 17.89 -2.04 5.95
C ILE A 212 18.71 -2.73 4.84
N LYS A 213 19.36 -3.78 5.24
CA LYS A 213 20.36 -4.46 4.42
C LYS A 213 19.81 -5.43 3.40
N PRO A 214 18.80 -6.21 3.80
CA PRO A 214 18.32 -7.22 2.82
C PRO A 214 17.61 -6.60 1.66
N LYS A 215 17.55 -7.33 0.54
CA LYS A 215 16.72 -6.93 -0.59
C LYS A 215 16.98 -5.47 -1.04
N GLN A 216 18.23 -5.04 -0.98
CA GLN A 216 18.61 -3.68 -1.40
C GLN A 216 17.74 -2.64 -0.73
N GLY A 217 17.30 -2.96 0.48
CA GLY A 217 16.57 -1.97 1.30
C GLY A 217 15.07 -2.07 1.22
N PHE A 218 14.52 -2.96 0.35
CA PHE A 218 13.09 -3.12 0.23
C PHE A 218 12.55 -4.00 1.39
N GLY A 219 11.45 -3.59 1.97
CA GLY A 219 10.84 -4.38 3.02
C GLY A 219 9.44 -3.96 3.32
N GLY A 220 8.82 -4.73 4.23
CA GLY A 220 7.42 -4.55 4.53
C GLY A 220 7.21 -3.35 5.43
N LEU A 221 6.15 -2.62 5.16
CA LEU A 221 5.80 -1.36 5.92
C LEU A 221 4.74 -1.60 6.87
N GLY A 222 4.95 -1.11 8.08
CA GLY A 222 3.98 -1.08 9.08
C GLY A 222 3.81 0.32 9.68
N GLY A 223 2.85 0.44 10.58
CA GLY A 223 2.61 1.60 11.34
C GLY A 223 1.73 2.65 10.69
N LYS A 224 1.97 3.96 11.01
CA LYS A 224 1.02 5.00 10.57
C LYS A 224 0.82 5.05 9.05
N TYR A 225 1.85 4.67 8.27
CA TYR A 225 1.69 4.55 6.83
C TYR A 225 0.51 3.73 6.41
N ILE A 226 0.19 2.66 7.13
CA ILE A 226 -0.73 1.66 6.61
C ILE A 226 -2.17 1.63 7.20
N LEU A 227 -2.53 2.58 8.09
CA LEU A 227 -3.80 2.47 8.78
C LEU A 227 -4.97 2.49 7.77
N PRO A 228 -5.03 3.46 6.84
CA PRO A 228 -6.16 3.39 5.94
C PRO A 228 -6.23 2.13 5.08
N THR A 229 -5.08 1.63 4.70
CA THR A 229 -5.02 0.36 3.99
C THR A 229 -5.52 -0.78 4.85
N ALA A 230 -5.10 -0.85 6.10
CA ALA A 230 -5.59 -1.86 7.00
C ALA A 230 -7.10 -1.80 7.26
N LEU A 231 -7.67 -0.58 7.46
CA LEU A 231 -9.08 -0.41 7.67
C LEU A 231 -9.84 -0.86 6.43
N ALA A 232 -9.32 -0.55 5.24
CA ALA A 232 -10.00 -0.97 4.03
C ALA A 232 -10.10 -2.49 3.95
N ASN A 233 -9.01 -3.13 4.33
CA ASN A 233 -9.00 -4.58 4.19
C ASN A 233 -9.84 -5.21 5.25
N VAL A 234 -9.78 -4.69 6.46
CA VAL A 234 -10.71 -5.19 7.51
C VAL A 234 -12.15 -5.08 7.01
N ASN A 235 -12.52 -3.91 6.56
CA ASN A 235 -13.90 -3.71 6.19
C ASN A 235 -14.28 -4.52 4.99
N ALA A 236 -13.37 -4.61 4.01
CA ALA A 236 -13.69 -5.38 2.80
C ALA A 236 -13.99 -6.87 3.15
N PHE A 237 -13.17 -7.46 4.03
CA PHE A 237 -13.38 -8.85 4.42
C PHE A 237 -14.55 -9.01 5.36
N TYR A 238 -14.82 -8.00 6.20
CA TYR A 238 -15.95 -8.03 7.12
C TYR A 238 -17.20 -8.09 6.33
N ARG A 239 -17.25 -7.31 5.24
CA ARG A 239 -18.45 -7.25 4.39
C ARG A 239 -18.59 -8.55 3.58
N ARG A 240 -17.50 -9.18 3.21
CA ARG A 240 -17.54 -10.32 2.25
C ARG A 240 -17.56 -11.69 2.91
N CYS A 241 -17.20 -11.76 4.20
CA CYS A 241 -17.11 -13.05 4.90
C CYS A 241 -17.98 -13.03 6.10
N PRO A 242 -19.32 -13.07 5.90
CA PRO A 242 -20.23 -12.93 7.02
C PRO A 242 -20.18 -14.07 8.00
N ASP A 243 -19.69 -15.23 7.64
CA ASP A 243 -19.57 -16.30 8.64
C ASP A 243 -18.24 -16.40 9.34
N LYS A 244 -17.35 -15.42 9.14
CA LYS A 244 -16.03 -15.45 9.75
C LYS A 244 -15.83 -14.22 10.63
N LEU A 245 -14.88 -14.29 11.54
CA LEU A 245 -14.45 -13.15 12.32
C LEU A 245 -13.36 -12.43 11.51
N VAL A 246 -13.22 -11.12 11.70
CA VAL A 246 -12.06 -10.44 11.19
C VAL A 246 -11.31 -9.83 12.39
N PHE A 247 -10.00 -10.04 12.40
CA PHE A 247 -9.03 -9.43 13.29
C PHE A 247 -8.33 -8.29 12.52
N GLY A 248 -8.20 -7.14 13.17
CA GLY A 248 -7.57 -6.04 12.52
C GLY A 248 -6.15 -5.93 13.01
N CYS A 249 -5.27 -5.58 12.06
CA CYS A 249 -3.84 -5.32 12.35
C CYS A 249 -3.37 -4.25 11.36
N GLY A 250 -2.74 -3.20 11.84
CA GLY A 250 -2.12 -2.22 10.97
C GLY A 250 -2.35 -0.85 11.50
N GLY A 251 -1.26 -0.18 11.84
CA GLY A 251 -1.37 1.20 12.26
C GLY A 251 -2.01 1.55 13.59
N VAL A 252 -2.20 0.60 14.50
CA VAL A 252 -2.75 0.93 15.81
C VAL A 252 -1.71 1.50 16.72
N TYR A 253 -1.86 2.78 17.10
CA TYR A 253 -1.06 3.45 18.11
C TYR A 253 -1.89 4.04 19.26
N SER A 254 -3.18 3.96 19.17
CA SER A 254 -4.04 4.69 20.12
C SER A 254 -5.38 3.96 20.24
N GLY A 255 -6.12 4.28 21.29
CA GLY A 255 -7.47 3.68 21.44
C GLY A 255 -8.32 4.15 20.28
N GLU A 256 -8.08 5.36 19.79
CA GLU A 256 -8.86 5.83 18.63
C GLU A 256 -8.62 5.00 17.38
N ASP A 257 -7.36 4.64 17.11
CA ASP A 257 -7.06 3.74 16.00
C ASP A 257 -7.72 2.37 16.16
N ALA A 258 -7.72 1.86 17.40
CA ALA A 258 -8.45 0.63 17.72
C ALA A 258 -9.94 0.72 17.49
N PHE A 259 -10.50 1.87 17.88
CA PHE A 259 -11.90 2.12 17.68
C PHE A 259 -12.29 2.11 16.19
N LEU A 260 -11.42 2.64 15.34
CA LEU A 260 -11.65 2.65 13.93
C LEU A 260 -11.62 1.23 13.36
N HIS A 261 -10.65 0.46 13.79
CA HIS A 261 -10.61 -0.91 13.37
C HIS A 261 -11.89 -1.67 13.73
N ILE A 262 -12.41 -1.41 14.93
CA ILE A 262 -13.57 -2.11 15.43
C ILE A 262 -14.81 -1.64 14.66
N LEU A 263 -14.99 -0.34 14.43
CA LEU A 263 -16.02 0.14 13.52
C LEU A 263 -15.96 -0.45 12.17
N ALA A 264 -14.76 -0.65 11.60
CA ALA A 264 -14.59 -1.37 10.33
C ALA A 264 -14.97 -2.84 10.36
N GLY A 265 -15.02 -3.48 11.52
CA GLY A 265 -15.48 -4.89 11.64
C GLY A 265 -14.53 -5.75 12.48
N ALA A 266 -13.44 -5.20 13.01
CA ALA A 266 -12.47 -6.00 13.76
C ALA A 266 -13.05 -6.57 15.05
N SER A 267 -12.73 -7.82 15.36
CA SER A 267 -13.02 -8.41 16.64
C SER A 267 -11.81 -8.19 17.56
N MET A 268 -10.74 -8.90 17.34
CA MET A 268 -9.48 -8.64 18.01
C MET A 268 -8.71 -7.58 17.24
N VAL A 269 -7.82 -6.90 17.92
CA VAL A 269 -7.05 -5.85 17.35
C VAL A 269 -5.59 -6.04 17.74
N GLN A 270 -4.72 -6.16 16.77
CA GLN A 270 -3.31 -6.55 16.94
C GLN A 270 -2.47 -5.27 16.80
N VAL A 271 -1.33 -5.23 17.52
CA VAL A 271 -0.49 -4.14 17.55
C VAL A 271 0.94 -4.65 17.29
N GLY A 272 1.54 -4.12 16.26
CA GLY A 272 2.90 -4.49 15.80
C GLY A 272 3.86 -3.36 16.08
N THR A 273 4.07 -2.48 15.11
CA THR A 273 5.08 -1.45 15.17
C THR A 273 4.95 -0.65 16.47
N ALA A 274 3.75 -0.26 16.83
CA ALA A 274 3.64 0.60 18.05
C ALA A 274 4.08 -0.10 19.30
N LEU A 275 3.83 -1.42 19.36
CA LEU A 275 4.29 -2.28 20.42
C LEU A 275 5.83 -2.48 20.44
N GLN A 276 6.38 -2.70 19.26
CA GLN A 276 7.80 -2.79 19.04
C GLN A 276 8.44 -1.50 19.57
N GLU A 277 7.80 -0.35 19.40
CA GLU A 277 8.44 0.86 19.77
C GLU A 277 8.19 1.26 21.19
N GLU A 278 6.99 1.02 21.70
CA GLU A 278 6.62 1.52 22.99
C GLU A 278 6.76 0.50 24.09
N GLY A 279 6.69 -0.76 23.74
CA GLY A 279 6.72 -1.82 24.72
C GLY A 279 5.32 -2.21 25.26
N PRO A 280 5.24 -3.26 26.06
CA PRO A 280 3.99 -3.85 26.44
C PRO A 280 3.13 -2.99 27.36
N GLY A 281 3.70 -1.95 27.89
CA GLY A 281 2.93 -0.90 28.50
C GLY A 281 1.84 -0.29 27.66
N ILE A 282 2.00 -0.39 26.38
CA ILE A 282 1.08 0.16 25.46
C ILE A 282 -0.31 -0.42 25.68
N PHE A 283 -0.41 -1.66 26.11
CA PHE A 283 -1.73 -2.24 26.24
C PHE A 283 -2.63 -1.58 27.31
N THR A 284 -2.04 -1.12 28.40
CA THR A 284 -2.90 -0.43 29.43
C THR A 284 -3.39 0.90 28.86
N ARG A 285 -2.51 1.55 28.15
CA ARG A 285 -2.86 2.84 27.53
C ARG A 285 -3.96 2.66 26.50
N LEU A 286 -3.81 1.64 25.66
CA LEU A 286 -4.83 1.38 24.64
C LEU A 286 -6.19 1.09 25.20
N GLU A 287 -6.22 0.27 26.23
CA GLU A 287 -7.46 -0.05 26.93
C GLU A 287 -8.14 1.19 27.52
N ASP A 288 -7.36 1.97 28.23
CA ASP A 288 -7.83 3.26 28.82
C ASP A 288 -8.37 4.23 27.76
N GLU A 289 -7.66 4.40 26.65
CA GLU A 289 -8.04 5.30 25.57
C GLU A 289 -9.34 4.78 24.88
N LEU A 290 -9.43 3.48 24.68
CA LEU A 290 -10.59 2.98 23.99
C LEU A 290 -11.82 3.12 24.94
N LEU A 291 -11.63 2.87 26.22
CA LEU A 291 -12.73 3.01 27.19
C LEU A 291 -13.14 4.45 27.32
N GLU A 292 -12.22 5.39 27.20
CA GLU A 292 -12.62 6.80 27.29
C GLU A 292 -13.52 7.17 26.10
N ILE A 293 -13.14 6.69 24.92
CA ILE A 293 -13.96 6.94 23.70
C ILE A 293 -15.34 6.33 23.80
N MET A 294 -15.41 5.08 24.26
CA MET A 294 -16.70 4.45 24.55
C MET A 294 -17.56 5.22 25.56
N ALA A 295 -16.96 5.71 26.61
CA ALA A 295 -17.74 6.44 27.61
C ALA A 295 -18.32 7.75 27.07
N ARG A 296 -17.54 8.51 26.31
CA ARG A 296 -17.99 9.74 25.69
C ARG A 296 -19.14 9.48 24.70
N LYS A 297 -19.13 8.35 24.03
CA LYS A 297 -20.17 8.00 23.08
C LYS A 297 -21.30 7.19 23.64
N GLY A 298 -21.24 6.83 24.91
CA GLY A 298 -22.32 6.05 25.47
C GLY A 298 -22.31 4.56 25.14
N TYR A 299 -21.19 4.01 24.64
CA TYR A 299 -21.10 2.60 24.25
C TYR A 299 -20.67 1.81 25.45
N ARG A 300 -21.42 0.76 25.75
CA ARG A 300 -21.07 -0.08 26.89
C ARG A 300 -20.25 -1.35 26.53
N THR A 301 -20.45 -1.84 25.32
CA THR A 301 -19.76 -3.04 24.85
C THR A 301 -19.20 -2.83 23.42
N LEU A 302 -18.26 -3.69 23.05
CA LEU A 302 -17.67 -3.61 21.68
C LEU A 302 -18.73 -3.93 20.62
N GLU A 303 -19.64 -4.84 20.93
CA GLU A 303 -20.60 -5.26 19.91
C GLU A 303 -21.57 -4.15 19.55
N GLU A 304 -21.73 -3.16 20.41
N GLU A 304 -21.72 -3.14 20.41
CA GLU A 304 -22.57 -2.05 20.07
CA GLU A 304 -22.60 -2.05 20.07
C GLU A 304 -22.11 -1.33 18.79
C GLU A 304 -22.08 -1.17 18.91
N PHE A 305 -20.79 -1.30 18.55
CA PHE A 305 -20.26 -0.58 17.39
C PHE A 305 -19.41 -1.36 16.43
N ARG A 306 -19.15 -2.61 16.68
CA ARG A 306 -18.29 -3.38 15.81
C ARG A 306 -18.98 -3.47 14.42
N GLY A 307 -18.24 -3.09 13.39
CA GLY A 307 -18.73 -3.17 12.00
C GLY A 307 -19.77 -2.09 11.68
N ARG A 308 -20.03 -1.15 12.57
CA ARG A 308 -21.10 -0.19 12.31
C ARG A 308 -20.61 1.13 11.67
N VAL A 309 -19.46 1.12 11.02
CA VAL A 309 -18.98 2.27 10.29
C VAL A 309 -20.13 2.76 9.32
N LYS A 310 -20.38 4.05 9.29
CA LYS A 310 -21.45 4.58 8.47
C LYS A 310 -20.89 4.92 7.14
N THR A 311 -21.65 4.69 6.10
CA THR A 311 -21.35 5.25 4.75
C THR A 311 -22.18 6.49 4.45
N ILE A 312 -21.83 7.24 3.40
CA ILE A 312 -22.54 8.47 3.12
C ILE A 312 -23.61 8.16 2.06
N GLU A 313 -24.86 8.49 2.39
CA GLU A 313 -26.00 8.47 1.43
C GLU A 313 -25.93 7.38 0.37
N MET B 1 23.74 28.44 -9.74
CA MET B 1 23.12 27.06 -9.81
C MET B 1 21.62 27.06 -10.24
N CYS B 2 21.29 26.22 -11.19
CA CYS B 2 19.89 26.10 -11.59
C CYS B 2 19.64 24.61 -11.86
N LEU B 3 18.35 24.19 -11.77
CA LEU B 3 17.93 22.78 -11.87
C LEU B 3 17.51 22.43 -13.26
N LYS B 4 17.95 23.19 -14.32
CA LYS B 4 17.49 22.96 -15.69
C LYS B 4 17.93 21.54 -16.14
N LEU B 5 17.09 20.83 -16.95
CA LEU B 5 17.32 19.53 -17.56
C LEU B 5 16.65 19.32 -18.97
N ASN B 6 17.10 18.33 -19.72
CA ASN B 6 16.68 18.02 -21.03
C ASN B 6 16.30 16.63 -20.95
N LEU B 7 15.08 16.26 -21.33
CA LEU B 7 14.76 14.89 -21.65
C LEU B 7 13.63 14.80 -22.62
N LEU B 8 13.54 13.63 -23.23
CA LEU B 8 12.54 13.35 -24.27
C LEU B 8 12.60 14.46 -25.37
N ASP B 9 13.76 15.01 -25.62
CA ASP B 9 13.92 16.06 -26.62
C ASP B 9 13.21 17.36 -26.23
N HIS B 10 13.03 17.60 -24.95
CA HIS B 10 12.48 18.85 -24.47
C HIS B 10 13.38 19.38 -23.37
N VAL B 11 13.31 20.68 -23.12
CA VAL B 11 14.05 21.27 -22.09
C VAL B 11 13.13 21.64 -20.95
N PHE B 12 13.57 21.42 -19.70
CA PHE B 12 12.73 21.66 -18.51
C PHE B 12 13.53 22.54 -17.56
N ALA B 13 12.93 23.57 -17.02
CA ALA B 13 13.58 24.54 -16.11
C ALA B 13 13.91 23.87 -14.80
N ASN B 14 13.11 22.88 -14.43
CA ASN B 14 13.36 22.11 -13.23
C ASN B 14 12.55 20.84 -13.33
N PRO B 15 12.76 19.90 -12.40
CA PRO B 15 12.13 18.58 -12.60
C PRO B 15 10.71 18.46 -12.04
N PHE B 16 10.14 19.55 -11.54
CA PHE B 16 8.86 19.49 -10.88
C PHE B 16 7.68 19.67 -11.85
N MET B 17 6.60 18.97 -11.60
CA MET B 17 5.31 19.17 -12.30
C MET B 17 4.18 18.71 -11.43
N ASN B 18 2.93 19.03 -11.79
CA ASN B 18 1.80 18.49 -11.09
C ASN B 18 1.67 17.04 -11.43
N ALA B 19 1.01 16.34 -10.55
CA ALA B 19 0.54 14.99 -10.84
C ALA B 19 -0.79 15.07 -11.58
N ALA B 20 -0.98 14.11 -12.49
CA ALA B 20 -2.22 14.09 -13.24
C ALA B 20 -3.39 14.07 -12.28
N GLY B 21 -4.39 14.86 -12.60
CA GLY B 21 -5.55 14.96 -11.79
C GLY B 21 -5.60 16.14 -10.86
N VAL B 22 -4.44 16.68 -10.51
CA VAL B 22 -4.38 17.82 -9.62
C VAL B 22 -4.13 19.14 -10.36
N LEU B 23 -4.99 20.13 -10.17
CA LEU B 23 -4.83 21.44 -10.76
C LEU B 23 -4.62 21.41 -12.28
N CYS B 24 -5.39 20.57 -12.97
CA CYS B 24 -5.17 20.41 -14.36
C CYS B 24 -6.41 19.99 -15.20
N SER B 25 -7.60 20.26 -14.69
CA SER B 25 -8.84 19.83 -15.30
C SER B 25 -9.50 20.82 -16.30
N THR B 26 -9.34 22.08 -15.98
CA THR B 26 -9.97 23.13 -16.70
C THR B 26 -8.97 24.10 -17.32
N GLU B 27 -9.45 24.93 -18.23
CA GLU B 27 -8.56 25.89 -18.89
C GLU B 27 -7.88 26.77 -17.84
N GLU B 28 -8.67 27.14 -16.84
CA GLU B 28 -8.19 27.96 -15.73
C GLU B 28 -7.06 27.25 -14.97
N ASP B 29 -7.28 25.97 -14.63
CA ASP B 29 -6.23 25.15 -13.98
C ASP B 29 -4.93 25.09 -14.80
N LEU B 30 -5.07 24.77 -16.08
CA LEU B 30 -3.91 24.61 -17.00
C LEU B 30 -3.12 25.93 -17.17
N ARG B 31 -3.83 27.04 -17.26
CA ARG B 31 -3.22 28.37 -17.25
C ARG B 31 -2.49 28.69 -15.92
N CYS B 32 -3.10 28.27 -14.82
CA CYS B 32 -2.47 28.46 -13.51
C CYS B 32 -1.20 27.62 -13.37
N MET B 33 -1.25 26.34 -13.80
CA MET B 33 -0.06 25.51 -13.83
C MET B 33 0.99 26.09 -14.76
N THR B 34 0.57 26.64 -15.89
CA THR B 34 1.51 27.17 -16.81
C THR B 34 2.21 28.42 -16.22
N ALA B 35 1.48 29.19 -15.45
CA ALA B 35 2.05 30.43 -14.85
C ALA B 35 2.91 30.15 -13.63
N SER B 36 2.81 28.95 -13.08
CA SER B 36 3.59 28.57 -11.93
C SER B 36 5.09 28.38 -12.31
N SER B 37 5.89 28.16 -11.29
CA SER B 37 7.29 27.86 -11.45
C SER B 37 7.54 26.41 -11.79
N SER B 38 6.51 25.58 -11.95
CA SER B 38 6.82 24.18 -12.34
C SER B 38 7.61 24.10 -13.64
N GLY B 39 8.35 23.02 -13.78
CA GLY B 39 9.08 22.78 -14.96
C GLY B 39 8.25 22.22 -16.09
N ALA B 40 7.08 21.67 -15.80
CA ALA B 40 6.16 21.11 -16.85
C ALA B 40 4.75 20.97 -16.20
N LEU B 41 3.74 20.57 -16.99
CA LEU B 41 2.42 20.31 -16.46
C LEU B 41 1.87 19.17 -17.25
N VAL B 42 0.94 18.48 -16.63
CA VAL B 42 0.21 17.38 -17.21
C VAL B 42 -1.29 17.64 -17.08
N SER B 43 -2.08 17.42 -18.17
CA SER B 43 -3.51 17.62 -18.08
C SER B 43 -4.21 16.41 -17.41
N LYS B 44 -5.44 16.63 -16.93
CA LYS B 44 -6.26 15.60 -16.28
C LYS B 44 -6.40 14.39 -17.21
N SER B 45 -6.32 13.18 -16.67
CA SER B 45 -6.56 11.97 -17.55
C SER B 45 -7.95 12.11 -18.18
N CYS B 46 -8.01 11.94 -19.50
CA CYS B 46 -9.30 12.13 -20.17
C CYS B 46 -9.87 10.90 -20.86
N THR B 47 -11.14 11.00 -21.10
CA THR B 47 -11.94 10.02 -21.85
C THR B 47 -12.48 10.73 -23.10
N SER B 48 -13.04 9.94 -24.03
CA SER B 48 -13.45 10.50 -25.30
C SER B 48 -14.53 11.47 -25.05
N ALA B 49 -15.48 11.13 -24.17
CA ALA B 49 -16.54 12.09 -23.84
C ALA B 49 -16.27 12.72 -22.45
N PRO B 50 -16.79 13.94 -22.20
CA PRO B 50 -16.71 14.54 -20.89
C PRO B 50 -17.43 13.66 -19.84
N ARG B 51 -17.01 13.78 -18.57
CA ARG B 51 -17.56 13.06 -17.47
C ARG B 51 -17.71 14.02 -16.28
N ASP B 52 -18.82 13.90 -15.57
CA ASP B 52 -19.06 14.59 -14.30
C ASP B 52 -18.30 13.96 -13.14
N GLY B 53 -17.95 12.69 -13.26
CA GLY B 53 -17.36 11.99 -12.12
C GLY B 53 -18.36 11.55 -11.07
N ASN B 54 -17.84 11.15 -9.94
CA ASN B 54 -18.62 10.67 -8.81
C ASN B 54 -19.24 11.74 -7.96
N PRO B 55 -20.29 11.36 -7.22
CA PRO B 55 -20.90 12.26 -6.29
C PRO B 55 -19.89 12.76 -5.21
N GLU B 56 -20.05 14.00 -4.73
CA GLU B 56 -19.23 14.58 -3.69
C GLU B 56 -19.83 14.22 -2.31
N PRO B 57 -19.01 14.17 -1.27
CA PRO B 57 -17.58 14.40 -1.26
C PRO B 57 -16.81 13.19 -1.86
N ARG B 58 -15.79 13.48 -2.69
CA ARG B 58 -15.07 12.50 -3.41
C ARG B 58 -13.51 12.61 -3.20
N TYR B 59 -13.06 13.68 -2.55
CA TYR B 59 -11.67 13.94 -2.18
C TYR B 59 -11.65 14.45 -0.78
N MET B 60 -10.74 13.94 0.05
CA MET B 60 -10.53 14.57 1.35
C MET B 60 -9.08 14.50 1.74
N ALA B 61 -8.58 15.52 2.41
CA ALA B 61 -7.19 15.51 2.86
C ALA B 61 -7.06 15.64 4.35
N PHE B 62 -5.94 15.13 4.85
CA PHE B 62 -5.65 15.04 6.25
C PHE B 62 -4.20 15.27 6.42
N PRO B 63 -3.74 15.39 7.67
CA PRO B 63 -2.32 15.65 7.91
C PRO B 63 -1.43 14.66 7.24
N LEU B 64 -1.79 13.38 7.17
CA LEU B 64 -0.88 12.41 6.53
C LEU B 64 -1.15 12.15 5.05
N GLY B 65 -2.19 12.71 4.50
CA GLY B 65 -2.39 12.49 3.08
C GLY B 65 -3.81 12.68 2.68
N SER B 66 -4.17 12.05 1.57
CA SER B 66 -5.45 12.28 0.94
C SER B 66 -6.04 10.98 0.51
N ILE B 67 -7.38 11.01 0.35
CA ILE B 67 -8.12 9.85 -0.24
C ILE B 67 -9.05 10.39 -1.32
N ASN B 68 -9.16 9.68 -2.44
CA ASN B 68 -10.07 10.12 -3.51
C ASN B 68 -10.72 9.02 -4.24
N SER B 69 -12.00 9.24 -4.62
CA SER B 69 -12.61 8.37 -5.64
C SER B 69 -13.33 9.32 -6.60
N MET B 70 -12.54 10.01 -7.43
CA MET B 70 -13.10 11.13 -8.20
C MET B 70 -14.09 10.65 -9.24
N GLY B 71 -13.85 9.46 -9.77
CA GLY B 71 -14.66 8.97 -10.91
C GLY B 71 -14.26 9.51 -12.26
N LEU B 72 -12.99 9.92 -12.39
CA LEU B 72 -12.49 10.51 -13.59
C LEU B 72 -13.34 11.65 -14.20
N PRO B 73 -13.69 12.64 -13.39
CA PRO B 73 -14.30 13.80 -13.98
C PRO B 73 -13.32 14.51 -14.91
N ASN B 74 -13.75 14.93 -16.07
CA ASN B 74 -12.85 15.62 -17.03
C ASN B 74 -13.69 16.25 -18.14
N LEU B 75 -13.08 17.22 -18.82
CA LEU B 75 -13.76 17.93 -19.91
C LEU B 75 -13.88 17.22 -21.25
N GLY B 76 -13.29 16.05 -21.37
CA GLY B 76 -13.27 15.30 -22.59
C GLY B 76 -12.02 15.53 -23.41
N PHE B 77 -11.64 14.50 -24.16
CA PHE B 77 -10.49 14.56 -24.96
C PHE B 77 -10.48 15.75 -25.93
N ASP B 78 -11.62 16.07 -26.57
CA ASP B 78 -11.58 17.21 -27.51
C ASP B 78 -11.04 18.51 -26.90
N PHE B 79 -11.45 18.75 -25.67
CA PHE B 79 -10.99 19.90 -24.88
C PHE B 79 -9.49 19.86 -24.64
N TYR B 80 -8.95 18.73 -24.16
CA TYR B 80 -7.50 18.69 -23.84
C TYR B 80 -6.68 18.75 -25.12
N LEU B 81 -7.19 18.15 -26.19
CA LEU B 81 -6.52 18.23 -27.49
C LEU B 81 -6.43 19.65 -28.03
N LYS B 82 -7.52 20.36 -27.94
CA LYS B 82 -7.58 21.76 -28.29
C LYS B 82 -6.64 22.61 -27.44
N TYR B 83 -6.65 22.33 -26.13
CA TYR B 83 -5.61 22.95 -25.26
C TYR B 83 -4.17 22.71 -25.79
N ALA B 84 -3.83 21.46 -26.05
CA ALA B 84 -2.53 21.14 -26.52
C ALA B 84 -2.21 21.81 -27.90
N SER B 85 -3.23 21.86 -28.76
CA SER B 85 -3.07 22.27 -30.15
C SER B 85 -3.03 23.80 -30.30
N ASP B 86 -3.92 24.51 -29.59
CA ASP B 86 -4.19 25.91 -29.80
C ASP B 86 -3.91 26.85 -28.65
N LEU B 87 -3.94 26.36 -27.39
CA LEU B 87 -3.96 27.27 -26.24
C LEU B 87 -2.68 27.27 -25.41
N HIS B 88 -1.98 26.13 -25.38
CA HIS B 88 -0.84 26.05 -24.47
C HIS B 88 0.31 26.83 -25.04
N ASP B 89 1.02 27.56 -24.19
CA ASP B 89 2.25 28.24 -24.59
C ASP B 89 3.47 27.37 -24.38
N TYR B 90 3.95 26.78 -25.45
CA TYR B 90 5.09 25.92 -25.30
C TYR B 90 6.42 26.65 -25.04
N SER B 91 6.47 27.95 -25.20
CA SER B 91 7.65 28.69 -24.80
C SER B 91 7.75 28.79 -23.28
N LYS B 92 6.67 28.49 -22.57
CA LYS B 92 6.68 28.58 -21.12
C LYS B 92 7.20 27.26 -20.49
N LYS B 93 6.67 26.12 -20.92
CA LYS B 93 7.16 24.84 -20.46
C LYS B 93 6.53 23.73 -21.28
N PRO B 94 7.09 22.54 -21.23
CA PRO B 94 6.44 21.39 -21.85
C PRO B 94 5.12 20.97 -21.26
N LEU B 95 4.30 20.35 -22.09
CA LEU B 95 3.03 19.80 -21.72
C LEU B 95 2.92 18.34 -21.99
N PHE B 96 2.39 17.63 -20.96
CA PHE B 96 2.00 16.23 -21.04
C PHE B 96 0.50 16.15 -21.03
N LEU B 97 -0.07 15.29 -21.86
CA LEU B 97 -1.49 15.03 -21.89
C LEU B 97 -1.72 13.59 -21.46
N SER B 98 -2.51 13.41 -20.39
CA SER B 98 -2.86 12.10 -19.85
C SER B 98 -4.16 11.60 -20.48
N ILE B 99 -4.16 10.33 -20.92
CA ILE B 99 -5.32 9.69 -21.45
C ILE B 99 -5.63 8.46 -20.64
N SER B 100 -6.92 8.22 -20.35
CA SER B 100 -7.34 7.08 -19.63
C SER B 100 -8.71 6.61 -20.13
N GLY B 101 -8.78 6.12 -21.35
CA GLY B 101 -10.08 5.59 -21.85
C GLY B 101 -10.56 4.36 -21.12
N LEU B 102 -11.87 4.09 -21.23
CA LEU B 102 -12.54 2.98 -20.57
C LEU B 102 -12.33 1.65 -21.32
N SER B 103 -11.71 1.69 -22.49
CA SER B 103 -11.37 0.43 -23.22
C SER B 103 -10.21 0.66 -24.08
N VAL B 104 -9.56 -0.41 -24.55
CA VAL B 104 -8.49 -0.30 -25.47
C VAL B 104 -8.91 0.48 -26.68
N GLU B 105 -10.15 0.24 -27.17
CA GLU B 105 -10.61 0.92 -28.39
C GLU B 105 -10.68 2.43 -28.27
N GLU B 106 -11.19 2.87 -27.13
CA GLU B 106 -11.27 4.30 -26.84
C GLU B 106 -9.88 4.99 -26.78
N ASN B 107 -8.94 4.34 -26.07
CA ASN B 107 -7.55 4.81 -26.07
C ASN B 107 -6.93 4.90 -27.46
N VAL B 108 -7.08 3.85 -28.28
CA VAL B 108 -6.54 3.86 -29.66
C VAL B 108 -7.13 5.02 -30.43
N ALA B 109 -8.44 5.23 -30.33
CA ALA B 109 -9.06 6.32 -31.05
C ALA B 109 -8.50 7.68 -30.63
N MET B 110 -8.29 7.89 -29.31
CA MET B 110 -7.72 9.15 -28.84
C MET B 110 -6.28 9.30 -29.28
N VAL B 111 -5.45 8.24 -29.16
CA VAL B 111 -4.05 8.40 -29.50
C VAL B 111 -3.87 8.68 -31.02
N ARG B 112 -4.76 8.12 -31.88
CA ARG B 112 -4.61 8.36 -33.35
C ARG B 112 -4.79 9.82 -33.61
N ARG B 113 -5.68 10.49 -32.88
CA ARG B 113 -5.90 11.92 -33.05
C ARG B 113 -4.82 12.79 -32.42
N LEU B 114 -4.17 12.26 -31.36
CA LEU B 114 -3.20 13.06 -30.68
C LEU B 114 -1.89 13.04 -31.47
N ALA B 115 -1.57 11.96 -32.15
CA ALA B 115 -0.30 11.79 -32.80
C ALA B 115 0.13 13.01 -33.70
N PRO B 116 -0.75 13.49 -34.58
CA PRO B 116 -0.36 14.66 -35.39
C PRO B 116 -0.07 15.91 -34.58
N VAL B 117 -0.80 16.10 -33.47
CA VAL B 117 -0.56 17.24 -32.56
C VAL B 117 0.76 17.07 -31.79
N ALA B 118 1.07 15.84 -31.39
CA ALA B 118 2.38 15.55 -30.77
C ALA B 118 3.49 15.84 -31.75
N GLN B 119 3.29 15.49 -33.02
CA GLN B 119 4.27 15.77 -34.02
C GLN B 119 4.48 17.26 -34.23
N GLU B 120 3.42 18.03 -34.28
CA GLU B 120 3.46 19.46 -34.72
C GLU B 120 3.89 20.35 -33.56
N LYS B 121 3.39 20.02 -32.35
CA LYS B 121 3.59 20.90 -31.14
C LYS B 121 4.49 20.28 -30.10
N GLY B 122 4.67 18.97 -30.08
CA GLY B 122 5.61 18.39 -29.12
C GLY B 122 4.93 18.01 -27.77
N VAL B 123 3.61 18.08 -27.69
CA VAL B 123 2.88 17.54 -26.52
C VAL B 123 3.30 16.08 -26.31
N LEU B 124 3.50 15.70 -25.07
CA LEU B 124 3.87 14.34 -24.69
C LEU B 124 2.72 13.56 -24.09
N LEU B 125 2.60 12.30 -24.42
CA LEU B 125 1.50 11.46 -23.99
C LEU B 125 1.86 10.64 -22.77
N GLU B 126 1.02 10.68 -21.75
CA GLU B 126 1.08 9.80 -20.57
C GLU B 126 -0.19 8.98 -20.56
N LEU B 127 -0.02 7.70 -20.72
CA LEU B 127 -1.10 6.78 -20.76
C LEU B 127 -1.32 6.26 -19.36
N ASN B 128 -2.51 6.43 -18.84
CA ASN B 128 -2.82 6.02 -17.50
C ASN B 128 -3.31 4.60 -17.45
N LEU B 129 -2.54 3.69 -16.94
CA LEU B 129 -2.90 2.29 -16.96
C LEU B 129 -3.70 1.79 -15.76
N SER B 130 -4.14 2.69 -14.90
CA SER B 130 -5.12 2.34 -13.89
C SER B 130 -6.55 2.49 -14.40
N CYS B 131 -6.85 1.87 -15.49
CA CYS B 131 -8.08 2.14 -16.21
C CYS B 131 -8.86 0.85 -16.19
N PRO B 132 -10.14 0.90 -16.48
CA PRO B 132 -10.91 -0.31 -16.17
C PRO B 132 -10.70 -1.40 -17.19
N ASN B 133 -10.97 -2.61 -16.72
CA ASN B 133 -10.62 -3.79 -17.45
C ASN B 133 -11.95 -4.55 -17.72
N VAL B 134 -11.82 -5.77 -18.23
CA VAL B 134 -13.02 -6.59 -18.56
C VAL B 134 -13.64 -7.14 -17.25
N PRO B 135 -14.87 -7.69 -17.31
CA PRO B 135 -15.50 -8.14 -16.08
C PRO B 135 -14.67 -9.13 -15.31
N GLY B 136 -14.64 -8.90 -13.99
CA GLY B 136 -13.97 -9.76 -13.01
C GLY B 136 -12.49 -9.50 -12.81
N LYS B 137 -11.86 -8.70 -13.66
CA LYS B 137 -10.41 -8.57 -13.67
C LYS B 137 -10.06 -7.22 -12.98
N PRO B 138 -8.83 -7.10 -12.47
CA PRO B 138 -8.44 -5.87 -11.80
C PRO B 138 -8.13 -4.81 -12.82
N GLN B 139 -7.70 -3.64 -12.36
CA GLN B 139 -7.35 -2.57 -13.26
C GLN B 139 -6.31 -3.09 -14.21
N VAL B 140 -6.21 -2.46 -15.38
CA VAL B 140 -5.38 -2.95 -16.45
C VAL B 140 -3.94 -3.23 -16.03
N ALA B 141 -3.36 -2.31 -15.28
CA ALA B 141 -1.91 -2.56 -14.93
C ALA B 141 -1.68 -3.68 -13.99
N TYR B 142 -2.74 -4.16 -13.31
CA TYR B 142 -2.64 -5.33 -12.54
C TYR B 142 -2.99 -6.65 -13.28
N ASP B 143 -3.25 -6.56 -14.58
CA ASP B 143 -3.56 -7.74 -15.36
C ASP B 143 -2.54 -7.70 -16.52
N PHE B 144 -1.46 -8.44 -16.40
CA PHE B 144 -0.31 -8.14 -17.24
C PHE B 144 -0.63 -8.48 -18.70
N GLU B 145 -1.53 -9.42 -18.94
CA GLU B 145 -1.85 -9.71 -20.32
C GLU B 145 -2.64 -8.57 -20.91
N ALA B 146 -3.59 -7.97 -20.18
CA ALA B 146 -4.26 -6.77 -20.68
C ALA B 146 -3.31 -5.60 -20.87
N MET B 147 -2.33 -5.46 -19.97
CA MET B 147 -1.42 -4.35 -20.12
C MET B 147 -0.59 -4.50 -21.40
N ARG B 148 -0.15 -5.72 -21.68
CA ARG B 148 0.57 -5.98 -22.91
C ARG B 148 -0.31 -5.65 -24.14
N THR B 149 -1.57 -6.02 -24.11
CA THR B 149 -2.47 -5.66 -25.24
C THR B 149 -2.61 -4.17 -25.39
N TYR B 150 -2.78 -3.45 -24.26
CA TYR B 150 -3.04 -2.06 -24.41
C TYR B 150 -1.81 -1.42 -25.07
N LEU B 151 -0.61 -1.75 -24.56
CA LEU B 151 0.61 -1.16 -25.05
C LEU B 151 0.89 -1.54 -26.48
N GLN B 152 0.57 -2.78 -26.86
CA GLN B 152 0.72 -3.11 -28.31
C GLN B 152 -0.14 -2.21 -29.18
N GLN B 153 -1.40 -2.09 -28.78
CA GLN B 153 -2.42 -1.38 -29.58
C GLN B 153 -2.13 0.10 -29.62
N VAL B 154 -1.70 0.67 -28.49
CA VAL B 154 -1.36 2.07 -28.47
C VAL B 154 -0.10 2.34 -29.21
N SER B 155 0.87 1.47 -29.07
CA SER B 155 2.15 1.66 -29.74
C SER B 155 1.90 1.68 -31.23
N LEU B 156 1.03 0.81 -31.68
CA LEU B 156 0.75 0.77 -33.18
C LEU B 156 -0.03 2.01 -33.65
N ALA B 157 -1.03 2.38 -32.89
CA ALA B 157 -1.91 3.50 -33.21
C ALA B 157 -1.19 4.82 -33.07
N TYR B 158 -0.25 4.96 -32.12
CA TYR B 158 0.34 6.24 -31.87
C TYR B 158 1.65 6.42 -32.61
N GLY B 159 2.53 5.45 -32.52
CA GLY B 159 3.74 5.45 -33.30
C GLY B 159 4.82 6.39 -32.88
N LEU B 160 4.66 7.05 -31.74
CA LEU B 160 5.63 8.00 -31.26
C LEU B 160 6.00 7.68 -29.79
N PRO B 161 7.11 8.21 -29.30
CA PRO B 161 7.51 8.06 -27.87
C PRO B 161 6.40 8.49 -26.96
N PHE B 162 6.13 7.67 -25.93
CA PHE B 162 5.13 8.01 -24.91
C PHE B 162 5.50 7.39 -23.56
N GLY B 163 4.76 7.76 -22.56
CA GLY B 163 4.92 7.20 -21.22
C GLY B 163 3.66 6.60 -20.67
N VAL B 164 3.84 5.91 -19.57
CA VAL B 164 2.79 5.25 -18.88
C VAL B 164 2.78 5.56 -17.39
N LYS B 165 1.60 5.79 -16.84
CA LYS B 165 1.41 5.99 -15.44
C LYS B 165 0.97 4.67 -14.79
N MET B 166 1.77 4.23 -13.83
CA MET B 166 1.62 2.92 -13.18
C MET B 166 1.07 3.04 -11.78
N PRO B 167 0.25 2.05 -11.38
CA PRO B 167 -0.15 1.89 -9.99
C PRO B 167 1.05 1.33 -9.26
N PRO B 168 1.05 1.39 -7.91
CA PRO B 168 2.11 0.75 -7.19
C PRO B 168 1.97 -0.80 -7.21
N TYR B 169 3.11 -1.47 -7.18
CA TYR B 169 3.23 -2.89 -6.89
C TYR B 169 3.89 -3.12 -5.54
N PHE B 170 3.64 -4.31 -4.98
CA PHE B 170 3.96 -4.68 -3.61
C PHE B 170 4.70 -5.98 -3.51
N ASP B 171 5.08 -6.51 -4.66
CA ASP B 171 5.61 -7.90 -4.68
C ASP B 171 6.73 -7.91 -5.74
N ILE B 172 7.88 -8.46 -5.38
CA ILE B 172 9.06 -8.39 -6.25
C ILE B 172 8.80 -9.11 -7.57
N ALA B 173 8.04 -10.19 -7.52
CA ALA B 173 7.70 -10.91 -8.77
C ALA B 173 6.87 -10.04 -9.71
N HIS B 174 5.97 -9.21 -9.11
CA HIS B 174 5.22 -8.28 -9.87
C HIS B 174 6.06 -7.22 -10.49
N PHE B 175 6.99 -6.63 -9.74
CA PHE B 175 7.95 -5.70 -10.37
C PHE B 175 8.64 -6.35 -11.58
N ASP B 176 9.11 -7.60 -11.40
CA ASP B 176 9.79 -8.27 -12.51
C ASP B 176 8.85 -8.41 -13.71
N THR B 177 7.60 -8.84 -13.49
CA THR B 177 6.70 -9.06 -14.58
C THR B 177 6.35 -7.76 -15.28
N ALA B 178 6.03 -6.74 -14.47
CA ALA B 178 5.53 -5.49 -15.02
C ALA B 178 6.62 -4.84 -15.83
N ALA B 179 7.85 -4.86 -15.32
CA ALA B 179 8.95 -4.24 -16.04
C ALA B 179 9.27 -4.93 -17.36
N ALA B 180 9.19 -6.25 -17.34
CA ALA B 180 9.43 -7.02 -18.58
C ALA B 180 8.37 -6.70 -19.59
N VAL B 181 7.11 -6.51 -19.17
CA VAL B 181 6.07 -6.04 -20.15
C VAL B 181 6.44 -4.70 -20.77
N LEU B 182 6.80 -3.73 -19.93
CA LEU B 182 7.07 -2.43 -20.41
C LEU B 182 8.29 -2.43 -21.33
N ASN B 183 9.24 -3.27 -21.00
CA ASN B 183 10.45 -3.40 -21.77
C ASN B 183 10.29 -4.07 -23.18
N GLU B 184 9.12 -4.61 -23.43
CA GLU B 184 8.72 -5.02 -24.82
C GLU B 184 8.43 -3.95 -25.78
N PHE B 185 8.21 -2.74 -25.26
CA PHE B 185 7.74 -1.58 -25.99
C PHE B 185 8.77 -0.47 -26.00
N PRO B 186 9.57 -0.40 -27.09
CA PRO B 186 10.54 0.68 -27.28
C PRO B 186 10.00 2.10 -27.30
N LEU B 187 8.74 2.26 -27.65
CA LEU B 187 8.16 3.61 -27.68
C LEU B 187 7.77 4.10 -26.28
N VAL B 188 7.74 3.20 -25.31
CA VAL B 188 7.48 3.59 -23.93
C VAL B 188 8.83 4.12 -23.38
N LYS B 189 8.96 5.42 -23.33
CA LYS B 189 10.20 6.08 -22.98
C LYS B 189 10.30 6.57 -21.53
N PHE B 190 9.15 6.71 -20.90
CA PHE B 190 9.06 7.05 -19.50
C PHE B 190 7.94 6.28 -18.80
N VAL B 191 8.18 6.01 -17.55
CA VAL B 191 7.29 5.29 -16.69
C VAL B 191 7.10 6.22 -15.48
N THR B 192 5.88 6.51 -15.14
CA THR B 192 5.62 7.30 -13.94
C THR B 192 5.14 6.42 -12.83
N CYS B 193 5.85 6.42 -11.71
CA CYS B 193 5.55 5.61 -10.53
C CYS B 193 5.39 6.59 -9.37
N VAL B 194 4.23 6.71 -8.71
CA VAL B 194 3.09 5.85 -8.79
C VAL B 194 1.80 6.64 -8.77
N ASN B 195 0.77 6.00 -9.28
CA ASN B 195 -0.59 6.37 -8.99
C ASN B 195 -0.92 6.12 -7.51
N SER B 196 -2.09 6.51 -7.11
CA SER B 196 -2.53 6.34 -5.67
C SER B 196 -2.57 4.88 -5.23
N VAL B 197 -2.29 4.69 -3.99
CA VAL B 197 -2.36 3.38 -3.37
C VAL B 197 -3.89 3.02 -3.22
N GLY B 198 -4.29 2.00 -3.97
CA GLY B 198 -5.65 1.74 -4.25
C GLY B 198 -6.47 1.32 -3.06
N ASN B 199 -7.71 1.82 -3.02
CA ASN B 199 -8.78 1.31 -2.16
C ASN B 199 -8.39 1.24 -0.71
N GLY B 200 -7.88 2.36 -0.22
CA GLY B 200 -7.76 2.55 1.23
C GLY B 200 -9.12 3.05 1.78
N LEU B 201 -9.21 3.21 3.10
CA LEU B 201 -10.47 3.60 3.75
C LEU B 201 -10.12 4.45 4.88
N VAL B 202 -10.62 5.66 4.83
CA VAL B 202 -10.44 6.63 5.95
C VAL B 202 -11.79 6.76 6.67
N ILE B 203 -11.76 6.66 8.00
CA ILE B 203 -12.92 6.69 8.87
C ILE B 203 -12.69 7.82 9.86
N ASP B 204 -13.71 8.62 10.09
CA ASP B 204 -13.72 9.64 11.11
C ASP B 204 -14.28 9.10 12.45
N ALA B 205 -13.45 9.13 13.47
CA ALA B 205 -13.88 8.60 14.74
C ALA B 205 -15.10 9.36 15.33
N GLU B 206 -15.11 10.68 15.25
CA GLU B 206 -16.20 11.39 15.87
C GLU B 206 -17.57 11.11 15.28
N SER B 207 -17.65 11.12 13.96
CA SER B 207 -18.87 10.83 13.28
C SER B 207 -19.08 9.31 12.99
N GLU B 208 -18.06 8.52 13.18
CA GLU B 208 -18.14 7.08 12.96
C GLU B 208 -18.49 6.72 11.51
N SER B 209 -18.02 7.55 10.61
CA SER B 209 -18.38 7.53 9.19
C SER B 209 -17.14 7.56 8.36
N VAL B 210 -17.26 6.94 7.20
CA VAL B 210 -16.32 7.19 6.17
C VAL B 210 -16.38 8.66 5.67
N VAL B 211 -15.40 9.09 4.91
CA VAL B 211 -15.23 10.53 4.65
C VAL B 211 -15.48 10.89 3.20
N ILE B 212 -15.55 9.91 2.31
CA ILE B 212 -15.97 10.12 0.96
C ILE B 212 -17.19 9.24 0.63
N LYS B 213 -18.00 9.73 -0.27
CA LYS B 213 -19.32 9.14 -0.61
C LYS B 213 -19.26 7.92 -1.58
N PRO B 214 -18.49 7.99 -2.65
CA PRO B 214 -18.44 6.82 -3.62
C PRO B 214 -17.77 5.61 -2.98
N LYS B 215 -18.15 4.44 -3.48
CA LYS B 215 -17.54 3.17 -3.14
C LYS B 215 -17.48 2.91 -1.62
N GLN B 216 -18.50 3.34 -0.88
CA GLN B 216 -18.67 3.07 0.56
C GLN B 216 -17.45 3.59 1.32
N GLY B 217 -16.83 4.60 0.76
CA GLY B 217 -15.77 5.35 1.35
C GLY B 217 -14.40 4.88 0.93
N PHE B 218 -14.29 3.88 0.06
CA PHE B 218 -12.99 3.37 -0.37
C PHE B 218 -12.43 4.25 -1.47
N GLY B 219 -11.14 4.56 -1.44
CA GLY B 219 -10.50 5.34 -2.54
C GLY B 219 -9.01 5.34 -2.47
N GLY B 220 -8.36 5.92 -3.49
CA GLY B 220 -6.96 5.86 -3.63
C GLY B 220 -6.29 6.78 -2.61
N LEU B 221 -5.17 6.35 -2.05
CA LEU B 221 -4.42 7.18 -1.06
C LEU B 221 -3.27 7.88 -1.72
N GLY B 222 -3.07 9.12 -1.36
CA GLY B 222 -1.89 9.83 -1.71
C GLY B 222 -1.24 10.50 -0.48
N GLY B 223 -0.11 11.15 -0.70
CA GLY B 223 0.52 11.94 0.35
C GLY B 223 1.48 11.18 1.20
N LYS B 224 1.68 11.59 2.45
CA LYS B 224 2.69 10.97 3.32
C LYS B 224 2.58 9.47 3.55
N TYR B 225 1.35 8.93 3.55
CA TYR B 225 1.11 7.50 3.61
C TYR B 225 1.96 6.73 2.59
N ILE B 226 2.20 7.35 1.43
CA ILE B 226 2.68 6.54 0.30
C ILE B 226 4.11 6.76 -0.16
N LEU B 227 4.86 7.58 0.57
CA LEU B 227 6.20 7.91 0.09
C LEU B 227 7.11 6.64 0.01
N PRO B 228 7.10 5.78 1.05
CA PRO B 228 8.03 4.65 0.89
C PRO B 228 7.60 3.72 -0.24
N THR B 229 6.31 3.57 -0.42
CA THR B 229 5.77 2.82 -1.56
C THR B 229 6.23 3.41 -2.89
N ALA B 230 6.07 4.70 -3.03
CA ALA B 230 6.49 5.42 -4.20
C ALA B 230 7.98 5.28 -4.51
N LEU B 231 8.85 5.39 -3.50
CA LEU B 231 10.29 5.30 -3.70
C LEU B 231 10.65 3.89 -4.14
N ALA B 232 9.98 2.92 -3.59
CA ALA B 232 10.28 1.49 -3.95
C ALA B 232 9.94 1.24 -5.37
N ASN B 233 8.81 1.79 -5.78
CA ASN B 233 8.40 1.56 -7.16
C ASN B 233 9.30 2.36 -8.14
N VAL B 234 9.62 3.59 -7.80
CA VAL B 234 10.57 4.34 -8.63
C VAL B 234 11.87 3.49 -8.80
N ASN B 235 12.44 3.07 -7.71
CA ASN B 235 13.70 2.44 -7.76
C ASN B 235 13.58 1.09 -8.48
N ALA B 236 12.53 0.36 -8.19
CA ALA B 236 12.38 -0.97 -8.85
C ALA B 236 12.36 -0.84 -10.36
N PHE B 237 11.59 0.13 -10.88
CA PHE B 237 11.52 0.42 -12.30
C PHE B 237 12.81 1.04 -12.84
N TYR B 238 13.50 1.80 -12.02
CA TYR B 238 14.72 2.43 -12.47
C TYR B 238 15.77 1.32 -12.70
N ARG B 239 15.79 0.38 -11.78
CA ARG B 239 16.73 -0.73 -11.90
C ARG B 239 16.36 -1.62 -13.12
N ARG B 240 15.11 -1.82 -13.37
CA ARG B 240 14.65 -2.82 -14.34
C ARG B 240 14.48 -2.29 -15.73
N CYS B 241 14.46 -0.98 -15.90
CA CYS B 241 14.18 -0.34 -17.21
C CYS B 241 15.32 0.64 -17.54
N PRO B 242 16.52 0.10 -17.81
CA PRO B 242 17.65 1.00 -18.03
C PRO B 242 17.54 1.89 -19.23
N ASP B 243 16.71 1.56 -20.21
CA ASP B 243 16.56 2.34 -21.43
C ASP B 243 15.36 3.29 -21.39
N LYS B 244 14.74 3.45 -20.23
CA LYS B 244 13.62 4.36 -20.09
C LYS B 244 13.92 5.38 -19.01
N LEU B 245 13.15 6.42 -18.98
CA LEU B 245 13.18 7.32 -17.85
C LEU B 245 12.13 6.89 -16.83
N VAL B 246 12.35 7.22 -15.54
CA VAL B 246 11.32 7.02 -14.56
C VAL B 246 10.97 8.40 -13.98
N PHE B 247 9.67 8.66 -13.85
CA PHE B 247 9.14 9.93 -13.23
C PHE B 247 8.62 9.51 -11.88
N GLY B 248 8.94 10.23 -10.80
CA GLY B 248 8.45 9.79 -9.52
C GLY B 248 7.25 10.63 -9.14
N CYS B 249 6.30 10.00 -8.51
CA CYS B 249 5.11 10.63 -8.00
C CYS B 249 4.74 9.89 -6.72
N GLY B 250 4.44 10.64 -5.67
CA GLY B 250 3.92 10.03 -4.44
C GLY B 250 4.64 10.62 -3.26
N GLY B 251 3.89 11.34 -2.44
CA GLY B 251 4.40 11.64 -1.15
C GLY B 251 5.37 12.82 -1.14
N VAL B 252 5.42 13.62 -2.22
CA VAL B 252 6.32 14.76 -2.25
C VAL B 252 5.70 15.98 -1.56
N TYR B 253 6.26 16.41 -0.44
CA TYR B 253 5.86 17.67 0.24
C TYR B 253 7.04 18.66 0.43
N SER B 254 8.24 18.28 0.10
CA SER B 254 9.46 19.08 0.46
C SER B 254 10.49 18.78 -0.58
N GLY B 255 11.49 19.63 -0.68
CA GLY B 255 12.65 19.32 -1.49
C GLY B 255 13.38 18.07 -1.05
N GLU B 256 13.36 17.79 0.25
CA GLU B 256 13.94 16.56 0.73
C GLU B 256 13.24 15.33 0.15
N ASP B 257 11.94 15.33 0.15
CA ASP B 257 11.12 14.26 -0.50
C ASP B 257 11.45 14.10 -1.99
N ALA B 258 11.52 15.22 -2.68
CA ALA B 258 12.00 15.23 -4.06
C ALA B 258 13.43 14.71 -4.27
N PHE B 259 14.34 15.09 -3.37
CA PHE B 259 15.68 14.57 -3.35
C PHE B 259 15.70 13.04 -3.23
N LEU B 260 14.86 12.49 -2.39
CA LEU B 260 14.77 11.03 -2.25
C LEU B 260 14.24 10.35 -3.49
N HIS B 261 13.23 10.93 -4.14
CA HIS B 261 12.78 10.41 -5.42
C HIS B 261 13.89 10.36 -6.49
N ILE B 262 14.71 11.43 -6.56
CA ILE B 262 15.72 11.52 -7.54
C ILE B 262 16.81 10.49 -7.20
N LEU B 263 17.21 10.39 -5.93
CA LEU B 263 18.15 9.37 -5.55
C LEU B 263 17.67 8.00 -5.94
N ALA B 264 16.36 7.77 -5.79
CA ALA B 264 15.78 6.45 -6.14
C ALA B 264 15.78 6.23 -7.69
N GLY B 265 15.96 7.28 -8.49
CA GLY B 265 16.05 7.22 -9.91
C GLY B 265 15.14 8.13 -10.74
N ALA B 266 14.35 8.98 -10.07
CA ALA B 266 13.42 9.88 -10.75
C ALA B 266 14.09 10.93 -11.60
N SER B 267 13.56 11.09 -12.80
CA SER B 267 14.03 12.17 -13.73
C SER B 267 13.16 13.42 -13.49
N MET B 268 11.86 13.26 -13.48
CA MET B 268 10.91 14.36 -13.17
C MET B 268 10.25 13.88 -11.87
N VAL B 269 9.72 14.82 -11.05
CA VAL B 269 9.07 14.54 -9.81
C VAL B 269 7.68 15.26 -9.87
N GLN B 270 6.61 14.49 -9.68
CA GLN B 270 5.26 15.01 -9.74
C GLN B 270 4.76 15.22 -8.31
N VAL B 271 3.90 16.23 -8.16
CA VAL B 271 3.36 16.61 -6.88
C VAL B 271 1.83 16.59 -7.00
N GLY B 272 1.20 15.76 -6.18
CA GLY B 272 -0.23 15.58 -6.15
C GLY B 272 -0.88 16.18 -4.97
N THR B 273 -1.09 15.38 -3.94
CA THR B 273 -1.74 15.86 -2.68
C THR B 273 -1.17 17.16 -2.15
N ALA B 274 0.13 17.27 -2.10
CA ALA B 274 0.72 18.51 -1.48
C ALA B 274 0.42 19.75 -2.30
N LEU B 275 0.33 19.57 -3.61
CA LEU B 275 -0.09 20.62 -4.56
C LEU B 275 -1.57 20.98 -4.36
N GLN B 276 -2.40 19.95 -4.24
CA GLN B 276 -3.82 20.18 -4.00
C GLN B 276 -4.00 20.97 -2.69
N GLU B 277 -3.18 20.65 -1.68
CA GLU B 277 -3.32 21.29 -0.37
C GLU B 277 -2.69 22.67 -0.27
N GLU B 278 -1.53 22.85 -0.88
CA GLU B 278 -0.73 24.04 -0.69
C GLU B 278 -0.90 25.01 -1.82
N GLY B 279 -1.30 24.53 -2.98
CA GLY B 279 -1.42 25.39 -4.15
C GLY B 279 -0.07 25.50 -4.93
N PRO B 280 -0.06 26.25 -6.04
CA PRO B 280 1.04 26.23 -7.01
C PRO B 280 2.29 26.97 -6.52
N GLY B 281 2.16 27.77 -5.46
CA GLY B 281 3.28 28.27 -4.75
C GLY B 281 4.24 27.25 -4.28
N ILE B 282 3.75 26.00 -4.09
CA ILE B 282 4.60 24.98 -3.62
C ILE B 282 5.81 24.78 -4.53
N PHE B 283 5.73 25.08 -5.80
CA PHE B 283 6.84 24.82 -6.72
C PHE B 283 8.07 25.67 -6.46
N THR B 284 7.90 26.89 -5.98
CA THR B 284 9.05 27.70 -5.69
C THR B 284 9.74 27.25 -4.44
N ARG B 285 8.98 26.78 -3.45
CA ARG B 285 9.49 26.25 -2.23
C ARG B 285 10.27 24.97 -2.53
N LEU B 286 9.68 24.09 -3.30
CA LEU B 286 10.34 22.82 -3.64
C LEU B 286 11.66 23.01 -4.35
N GLU B 287 11.72 23.89 -5.33
CA GLU B 287 12.95 24.25 -6.04
C GLU B 287 14.01 24.80 -5.03
N ASP B 288 13.63 25.75 -4.20
CA ASP B 288 14.57 26.32 -3.23
C ASP B 288 15.13 25.27 -2.27
N GLU B 289 14.21 24.42 -1.73
CA GLU B 289 14.58 23.39 -0.78
C GLU B 289 15.51 22.34 -1.44
N LEU B 290 15.22 21.95 -2.67
CA LEU B 290 16.07 20.92 -3.36
C LEU B 290 17.44 21.55 -3.66
N LEU B 291 17.46 22.81 -4.08
CA LEU B 291 18.77 23.41 -4.36
C LEU B 291 19.59 23.55 -3.08
N GLU B 292 18.90 23.76 -1.98
CA GLU B 292 19.57 24.00 -0.69
C GLU B 292 20.18 22.69 -0.20
N ILE B 293 19.45 21.62 -0.35
CA ILE B 293 20.02 20.27 -0.07
C ILE B 293 21.21 19.98 -0.97
N MET B 294 21.09 20.23 -2.28
CA MET B 294 22.22 20.06 -3.22
C MET B 294 23.45 20.87 -2.77
N ALA B 295 23.25 22.14 -2.44
CA ALA B 295 24.35 23.01 -2.05
C ALA B 295 25.02 22.44 -0.84
N ARG B 296 24.26 22.04 0.17
CA ARG B 296 24.87 21.53 1.40
C ARG B 296 25.72 20.27 1.10
N LYS B 297 25.30 19.42 0.17
CA LYS B 297 26.00 18.20 -0.18
C LYS B 297 27.13 18.36 -1.22
N GLY B 298 27.23 19.53 -1.83
CA GLY B 298 28.13 19.79 -2.90
C GLY B 298 27.72 19.29 -4.25
N TYR B 299 26.45 18.97 -4.49
CA TYR B 299 26.04 18.51 -5.76
C TYR B 299 25.70 19.73 -6.65
N ARG B 300 26.19 19.72 -7.85
CA ARG B 300 25.89 20.81 -8.78
C ARG B 300 24.82 20.47 -9.82
N THR B 301 24.53 19.20 -10.05
CA THR B 301 23.64 18.70 -11.08
C THR B 301 22.78 17.59 -10.48
N LEU B 302 21.62 17.37 -11.06
CA LEU B 302 20.76 16.23 -10.65
C LEU B 302 21.37 14.92 -11.09
N GLU B 303 22.05 14.97 -12.22
CA GLU B 303 22.67 13.80 -12.78
C GLU B 303 23.71 13.21 -11.82
N GLU B 304 24.36 14.07 -11.01
CA GLU B 304 25.35 13.60 -10.06
C GLU B 304 24.81 12.58 -9.03
N PHE B 305 23.53 12.65 -8.70
CA PHE B 305 22.96 11.77 -7.66
C PHE B 305 21.70 10.98 -8.06
N ARG B 306 21.23 11.17 -9.29
CA ARG B 306 20.06 10.45 -9.71
C ARG B 306 20.36 8.96 -9.78
N GLY B 307 19.52 8.20 -9.11
CA GLY B 307 19.67 6.78 -9.09
C GLY B 307 20.81 6.30 -8.21
N ARG B 308 21.43 7.16 -7.50
CA ARG B 308 22.61 6.74 -6.73
C ARG B 308 22.35 6.40 -5.27
N VAL B 309 21.11 6.12 -4.91
CA VAL B 309 20.81 5.57 -3.58
C VAL B 309 21.79 4.44 -3.24
N LYS B 310 22.37 4.58 -2.09
CA LYS B 310 23.26 3.54 -1.60
C LYS B 310 22.57 2.36 -0.92
N THR B 311 23.08 1.14 -1.15
CA THR B 311 22.57 -0.02 -0.42
C THR B 311 23.61 -0.40 0.62
N ILE B 312 23.26 -1.29 1.53
CA ILE B 312 24.16 -1.69 2.65
C ILE B 312 24.79 -3.01 2.26
N GLU B 313 26.12 -3.04 2.20
CA GLU B 313 26.90 -4.25 1.90
C GLU B 313 26.47 -4.96 0.63
OAB W7L C . 10.04 -12.30 8.55
CAQ W7L C . 9.57 -11.41 7.85
OAE W7L C . 10.27 -10.77 7.09
CAT W7L C . 8.15 -11.07 7.88
NAN W7L C . 7.89 -9.73 8.04
CAV W7L C . 6.57 -9.21 8.07
OAC W7L C . 6.32 -8.00 8.15
NAO W7L C . 5.57 -10.10 7.86
CAW W7L C . 5.82 -11.50 7.64
OAD W7L C . 4.81 -12.22 7.47
CAU W7L C . 7.16 -11.98 7.66
CAM W7L C . 7.49 -13.33 7.37
CAL W7L C . 7.09 -13.68 5.90
CAS W7L C . 7.99 -13.15 4.95
CAG W7L C . 7.74 -11.89 4.29
CAF W7L C . 8.65 -11.28 3.40
CAI W7L C . 9.89 -11.91 3.17
CAX W7L C . 10.18 -13.15 3.79
CAK W7L C . 11.41 -13.75 3.55
CAY W7L C . 9.29 -13.77 4.68
CAJ W7L C . 9.65 -15.00 5.26
CAH W7L C . 10.86 -15.64 4.95
CAR W7L C . 11.73 -15.00 4.13
OAP W7L C . 12.97 -15.61 3.88
CAA W7L C . 13.96 -14.83 3.23
C1 GOL D . 5.86 -7.33 32.04
C1 GOL D . 5.94 -7.97 31.54
O1 GOL D . 7.04 -7.92 31.49
O1 GOL D . 7.37 -8.11 31.57
C2 GOL D . 5.06 -6.47 31.06
C2 GOL D . 5.61 -6.48 31.42
O2 GOL D . 4.28 -7.42 30.38
O2 GOL D . 6.03 -5.84 32.62
C3 GOL D . 4.15 -5.52 31.86
C3 GOL D . 4.11 -6.38 31.21
O3 GOL D . 3.37 -4.66 30.99
O3 GOL D . 3.74 -5.08 30.72
C1 GOL E . -15.82 -0.74 -2.48
O1 GOL E . -16.70 -0.44 -3.58
C2 GOL E . -16.37 -2.03 -1.85
O2 GOL E . -16.16 -3.05 -2.81
C3 GOL E . -15.69 -2.44 -0.58
O3 GOL E . -16.42 -3.47 0.05
C1 GOL F . 14.29 -4.33 -6.01
O1 GOL F . 14.87 -4.06 -7.31
C2 GOL F . 14.88 -5.63 -5.48
O2 GOL F . 14.39 -6.65 -6.35
C3 GOL F . 14.52 -6.04 -4.04
O3 GOL F . 15.15 -7.33 -3.75
C1 GOL G . -21.05 -8.60 7.31
O1 GOL G . -21.55 -7.27 7.08
C2 GOL G . -22.00 -9.39 8.21
O2 GOL G . -22.70 -8.52 9.11
C3 GOL G . -21.23 -10.48 8.97
O3 GOL G . -21.04 -10.25 10.35
C1 GOL H . -17.95 -12.31 19.43
O1 GOL H . -18.24 -12.26 18.02
C2 GOL H . -18.67 -11.28 20.31
O2 GOL H . -20.01 -10.91 19.95
C3 GOL H . -18.82 -11.83 21.73
O3 GOL H . -18.09 -11.10 22.68
C1 GOL I . 14.47 -4.94 16.49
O1 GOL I . 15.53 -4.49 15.66
C2 GOL I . 13.87 -6.17 15.86
O2 GOL I . 14.91 -7.13 15.71
C3 GOL I . 12.84 -6.74 16.82
O3 GOL I . 12.41 -8.06 16.45
C1 GOL J . 22.59 4.02 6.72
O1 GOL J . 22.47 2.66 6.31
C2 GOL J . 21.17 4.50 7.04
O2 GOL J . 21.05 5.84 6.58
C3 GOL J . 20.87 4.48 8.55
O3 GOL J . 19.60 3.88 8.91
C1 GOL K . 17.44 -4.90 -10.71
O1 GOL K . 17.28 -5.07 -12.13
C2 GOL K . 17.40 -6.26 -10.05
O2 GOL K . 18.62 -6.89 -10.43
C3 GOL K . 17.26 -6.28 -8.54
O3 GOL K . 17.60 -5.02 -7.97
C1 GOL L . 15.06 7.60 8.00
O1 GOL L . 16.46 7.78 8.19
C2 GOL L . 14.35 8.59 7.13
O2 GOL L . 14.46 9.84 7.79
C3 GOL L . 12.87 8.21 7.02
O3 GOL L . 12.03 9.35 6.87
N1 FMN M . 3.51 -10.99 10.44
C2 FMN M . 3.36 -12.33 10.51
O2 FMN M . 2.25 -12.81 10.24
N3 FMN M . 4.37 -13.15 10.83
C4 FMN M . 5.58 -12.72 11.21
O4 FMN M . 6.54 -13.44 11.65
C4A FMN M . 5.78 -11.31 11.25
N5 FMN M . 6.98 -10.81 11.60
C5A FMN M . 7.12 -9.47 11.77
C6 FMN M . 8.29 -8.91 12.30
C7 FMN M . 8.44 -7.52 12.47
C7M FMN M . 9.71 -6.96 12.96
C8 FMN M . 7.35 -6.64 12.12
C8M FMN M . 7.46 -5.15 12.25
C9 FMN M . 6.18 -7.19 11.61
C9A FMN M . 6.01 -8.57 11.45
N10 FMN M . 4.87 -9.12 10.91
C10 FMN M . 4.68 -10.46 10.82
C1' FMN M . 3.79 -8.25 10.55
C2' FMN M . 3.01 -7.74 11.70
O2' FMN M . 2.34 -8.81 12.33
C3' FMN M . 1.91 -6.78 11.20
O3' FMN M . 1.00 -7.53 10.31
C4' FMN M . 2.42 -5.53 10.45
O4' FMN M . 3.61 -5.04 11.14
C5' FMN M . 1.36 -4.40 10.50
O5' FMN M . 0.95 -3.98 11.78
P FMN M . 1.50 -2.60 12.45
O1P FMN M . 0.93 -2.63 13.83
O2P FMN M . 1.17 -1.53 11.50
O3P FMN M . 3.01 -2.82 12.44
CO NCO N . 12.28 -0.71 22.80
N1 NCO N . 12.67 -1.95 24.35
N2 NCO N . 11.89 0.53 21.21
N3 NCO N . 12.09 -2.24 21.59
N4 NCO N . 10.26 -0.84 23.27
N5 NCO N . 12.47 0.85 23.98
N6 NCO N . 14.28 -0.55 22.38
OAB W7L O . -10.32 10.06 -11.09
CAQ W7L O . -9.99 9.14 -10.32
OAE W7L O . -10.74 8.67 -9.45
CAT W7L O . -8.60 8.73 -10.30
NAN W7L O . -7.94 8.98 -9.03
CAV W7L O . -6.62 8.63 -8.82
OAC W7L O . -6.10 8.73 -7.68
NAO W7L O . -5.99 8.05 -9.89
CAW W7L O . -6.60 7.88 -11.16
OAD W7L O . -5.84 7.41 -11.99
CAU W7L O . -7.95 8.19 -11.36
CAM W7L O . -8.66 7.91 -12.63
CAL W7L O . -8.66 6.38 -12.73
CAS W7L O . -9.71 6.03 -13.75
CAG W7L O . -9.23 5.87 -15.03
CAF W7L O . -10.01 5.55 -16.16
CAI W7L O . -11.38 5.42 -15.91
CAX W7L O . -11.92 5.53 -14.65
CAK W7L O . -13.30 5.38 -14.52
CAY W7L O . -11.11 5.87 -13.54
CAJ W7L O . -11.70 5.96 -12.30
CAH W7L O . -13.14 5.77 -12.16
CAR W7L O . -13.92 5.47 -13.28
OAP W7L O . -15.30 5.30 -13.13
CAA W7L O . -16.01 4.47 -14.08
C1 GOL P . -4.47 3.90 -8.76
O1 GOL P . -3.55 2.90 -8.29
C2 GOL P . -5.94 3.54 -8.44
O2 GOL P . -6.23 3.87 -7.04
C3 GOL P . -6.88 4.25 -9.42
O3 GOL P . -7.44 5.36 -8.75
C1 GOL Q . 19.51 2.88 -15.78
O1 GOL Q . 19.30 4.15 -16.41
C2 GOL Q . 20.49 2.86 -14.60
O2 GOL Q . 21.82 2.68 -15.07
C3 GOL Q . 20.19 1.74 -13.56
O3 GOL Q . 19.22 0.79 -14.05
C1 GOL R . 16.53 -4.54 -20.23
O1 GOL R . 16.96 -5.45 -19.18
C2 GOL R . 15.38 -5.20 -21.00
O2 GOL R . 15.64 -6.61 -20.91
C3 GOL R . 15.27 -4.74 -22.45
O3 GOL R . 14.38 -5.54 -23.29
C1 GOL S . 7.15 21.11 -25.97
O1 GOL S . 6.56 20.95 -27.28
C2 GOL S . 8.24 22.20 -25.82
O2 GOL S . 8.24 23.12 -26.93
C3 GOL S . 7.83 22.78 -24.46
O3 GOL S . 8.51 23.85 -23.89
C1 GOL T . -11.08 11.74 9.34
O1 GOL T . -11.84 12.89 9.67
C2 GOL T . -9.67 11.81 9.92
O2 GOL T . -9.80 11.73 11.33
C3 GOL T . -8.80 10.68 9.36
O3 GOL T . -7.58 10.49 10.09
C1 GOL U . -16.22 13.16 8.04
O1 GOL U . -15.94 13.88 6.84
C2 GOL U . -17.51 12.30 8.01
O2 GOL U . -18.40 12.89 8.96
C3 GOL U . -18.21 12.14 6.64
O3 GOL U . -19.44 12.87 6.45
C1 GOL V . 10.43 26.31 -23.68
O1 GOL V . 10.49 25.71 -24.99
C2 GOL V . 11.18 25.43 -22.68
O2 GOL V . 10.63 24.05 -22.72
C3 GOL V . 11.13 26.21 -21.34
O3 GOL V . 11.54 25.39 -20.23
C1 GOL W . -20.10 -4.34 -0.64
O1 GOL W . -19.02 -3.52 -0.28
C2 GOL W . -19.43 -5.57 -1.26
O2 GOL W . -19.38 -5.39 -2.67
C3 GOL W . -20.28 -6.81 -1.01
O3 GOL W . -19.91 -7.46 0.21
C1 GOL X . 30.14 14.60 -0.10
O1 GOL X . 31.41 14.71 0.59
C2 GOL X . 30.36 14.00 -1.50
O2 GOL X . 30.90 15.01 -2.26
C3 GOL X . 29.12 13.53 -2.25
O3 GOL X . 28.25 14.66 -2.44
C1 GOL Y . -9.81 23.06 -9.27
O1 GOL Y . -8.39 23.08 -9.05
C2 GOL Y . -10.27 21.76 -9.88
O2 GOL Y . -10.62 21.90 -11.27
C3 GOL Y . -9.16 20.73 -9.89
O3 GOL Y . -9.69 19.46 -9.53
N1 FMN Z . -3.63 10.03 -11.52
C2 FMN Z . -3.82 9.90 -12.87
O2 FMN Z . -2.92 9.32 -13.51
N3 FMN Z . -4.86 10.43 -13.52
C4 FMN Z . -5.77 11.16 -12.95
O4 FMN Z . -6.82 11.67 -13.49
C4A FMN Z . -5.62 11.35 -11.48
N5 FMN Z . -6.59 12.02 -10.79
C5A FMN Z . -6.36 12.39 -9.51
C6 FMN Z . -7.23 13.22 -8.80
C7 FMN Z . -7.07 13.48 -7.43
C7M FMN Z . -7.99 14.44 -6.70
C8 FMN Z . -5.87 12.96 -6.79
C8M FMN Z . -5.62 13.19 -5.32
C9 FMN Z . -5.01 12.15 -7.49
C9A FMN Z . -5.21 11.81 -8.81
N10 FMN Z . -4.35 10.97 -9.49
C10 FMN Z . -4.51 10.76 -10.84
C1' FMN Z . -3.20 10.34 -8.88
C2' FMN Z . -2.05 11.35 -8.75
O2' FMN Z . -1.55 11.74 -10.05
C3' FMN Z . -0.90 10.78 -7.92
O3' FMN Z . -0.32 9.65 -8.70
C4' FMN Z . -1.27 10.34 -6.52
O4' FMN Z . -2.06 11.34 -5.87
C5' FMN Z . -0.02 10.13 -5.62
O5' FMN Z . 0.74 11.32 -5.56
P FMN Z . 0.70 12.26 -4.23
O1P FMN Z . 1.57 13.37 -4.51
O2P FMN Z . 1.18 11.40 -3.14
O3P FMN Z . -0.70 12.57 -4.07
#